data_8SXB
#
_entry.id   8SXB
#
_cell.length_a   1.00
_cell.length_b   1.00
_cell.length_c   1.00
_cell.angle_alpha   90.00
_cell.angle_beta   90.00
_cell.angle_gamma   90.00
#
_symmetry.space_group_name_H-M   'P 1'
#
loop_
_entity.id
_entity.type
_entity.pdbx_description
1 polymer 'Multidrug resistance-associated protein 4 isoform X1'
2 non-polymer '(Z)-7-[(1R,2R,3R)-3-hydroxy-2-[(E,3S)-3-hydroxyoct-1-enyl]-5-oxo-cyclopentyl]hept-5-enoic acid'
3 water water
#
_entity_poly.entity_id   1
_entity_poly.type   'polypeptide(L)'
_entity_poly.pdbx_seq_one_letter_code
;MQPVYPEVKPNPLRNANLCSRIFFWWLNPLFKIGHKRRLEEDDMYSVLPEDRSQHLGEELQGYWDQEVLRAEKDAREPSL
TKAIIKCYWKSYVVLGIFTLIEESTRVVQPIILGKIIGYFENYDPSDSAALYEAHGYAGVLSACTLVLAILHHLYFYHVQ
CAGMRLRVAMCHMIYRKALRLSNSAMGKTTTGQIVNLLSNDVNKFDQVTIFLHFLWAGPLQAIVVTALLWMEIGISCLAG
MAVLIILLPLQSCIGKLFSSLRSKTAAFTDTRIRTMNEVITGIRIIKMYAWEKSFADLITNLRRKEISKILRSSYLRGMN
LASFFVASKIIVFVTFTTYVFLGNVITASRVFVAVSLYGAVRLTVTLFFPSAVEKVSEAFVSIRRIKNFLLLDEITQLHS
QLPSDGKMIVNVQDFTAFWDKASDTPTLQSLSFTVRPGELLAVVGPVGAGKSSLLSAVLGELPPNQGQVSVHGRIAYVSQ
QPWVFSGTVRSNILFGKKYEKERYEKVIKACALKKDLQLLEDGDLTMIGDRGTTLSGGQKARVNLARAVYQDADIYLLDD
PLSAVDAEVSRHLFELCICQALHEKIRILVTHQLQYLKAASQILILKDGQMVQKGTYTEFLKSGIDFGSLLKKENEEAEP
SPVPGSPTLRNRTFSESSVWSQQSSRPSLKEATPEGQDTENIQVTLTEESRSEGKVGFKAYKNYFTAGAHWFIIIFLILV
NLAAQVSYILQDWWLSYWANQQSALNVTVNGQGNVTEKLDLNWYLGIYSGLTASTVLFGIVRSLLVFFVLVSSSQTLHNQ
MFESILRAPVLFFDRNPIGRILNRFSKDIGHMDDLLPLTYLDFIQTFLQVIGVVGVAVAVIPWIAIPLVPLGIVFFVLRR
YFLETSRDVKRLESTTRSPVFSHLSSSLQGLWTIRAYKAEQRFQELFDSHQDLHSEAWFLFLTTSRWFAVRLDAICAVFV
IVVAFGSLILAKTLDAGQVGLALSYALTLMGMFQWCVRQSAEVENMMISVERVIEYTDLEKEAPWEYQKRPLPSWPHEGV
IIFDNVNFSYSLDGPLVLKHLTALIKSKEKVGIVGRTGAGKSSLIAALFRLSEPEGKIWIDKILTTEIGLHDLRKKMSII
PQEPVLFTGTMRKNLDPFNEHSDEELWNALEEVQLKEAIEDLPGKMDTELAESGSNFSVGQRQLVCLARAILRKNRILII
DEATANVDPRTDELIQKKIREKFAHCTVLTIAHRLNTIIDSDKIMVLDSGRLKEYDEPYVLLQNRDSLFYKMVQQLGKAE
AAALTETAKQVYFKRNYPDITHNGHVVMNASSGQPSAFTIFETAL
;
_entity_poly.pdbx_strand_id   A
#
# COMPACT_ATOMS: atom_id res chain seq x y z
N SER A 46 21.37 5.07 -19.99
CA SER A 46 21.21 4.25 -18.80
C SER A 46 22.08 4.80 -17.67
N VAL A 47 21.83 4.31 -16.45
CA VAL A 47 22.57 4.79 -15.28
C VAL A 47 24.02 4.33 -15.34
N LEU A 48 24.94 5.26 -15.11
CA LEU A 48 26.37 5.01 -15.17
C LEU A 48 26.84 4.15 -14.00
N PRO A 49 28.01 3.52 -14.13
CA PRO A 49 28.38 2.44 -13.20
C PRO A 49 28.36 2.80 -11.72
N GLU A 50 28.74 4.03 -11.37
CA GLU A 50 28.78 4.43 -9.96
C GLU A 50 27.40 4.50 -9.31
N ASP A 51 26.32 4.49 -10.08
CA ASP A 51 24.98 4.44 -9.54
C ASP A 51 24.29 3.09 -9.69
N ARG A 52 24.93 2.11 -10.32
CA ARG A 52 24.26 0.83 -10.54
C ARG A 52 24.10 0.04 -9.25
N SER A 53 22.98 -0.69 -9.18
CA SER A 53 22.52 -1.30 -7.93
C SER A 53 23.58 -2.17 -7.28
N GLN A 54 24.20 -3.07 -8.05
CA GLN A 54 25.10 -4.05 -7.44
C GLN A 54 26.30 -3.36 -6.82
N HIS A 55 27.02 -2.57 -7.60
CA HIS A 55 28.17 -1.86 -7.07
C HIS A 55 27.82 -1.03 -5.84
N LEU A 56 26.68 -0.34 -5.90
CA LEU A 56 26.34 0.64 -4.87
C LEU A 56 25.83 0.03 -3.58
N GLY A 57 25.16 -1.12 -3.64
CA GLY A 57 24.77 -1.86 -2.44
C GLY A 57 25.87 -2.67 -1.80
N GLU A 58 26.75 -3.24 -2.63
CA GLU A 58 27.89 -3.97 -2.11
C GLU A 58 28.79 -3.10 -1.24
N GLU A 59 28.88 -1.81 -1.55
CA GLU A 59 29.74 -0.92 -0.76
C GLU A 59 29.27 -0.80 0.69
N LEU A 60 28.00 -0.44 0.89
CA LEU A 60 27.49 -0.28 2.25
C LEU A 60 27.46 -1.59 3.02
N GLN A 61 27.18 -2.71 2.34
CA GLN A 61 27.22 -4.01 3.00
C GLN A 61 28.59 -4.30 3.59
N GLY A 62 29.66 -3.95 2.89
CA GLY A 62 30.99 -4.13 3.46
C GLY A 62 31.19 -3.40 4.78
N TYR A 63 30.65 -2.19 4.90
CA TYR A 63 30.73 -1.46 6.16
C TYR A 63 29.80 -2.04 7.24
N TRP A 64 28.64 -2.57 6.87
CA TRP A 64 27.78 -3.23 7.84
C TRP A 64 28.44 -4.45 8.44
N ASP A 65 29.02 -5.32 7.61
CA ASP A 65 29.72 -6.47 8.14
C ASP A 65 30.90 -6.09 9.01
N GLN A 66 31.64 -5.05 8.64
CA GLN A 66 32.74 -4.56 9.45
C GLN A 66 32.27 -4.06 10.81
N GLU A 67 31.18 -3.30 10.85
CA GLU A 67 30.64 -2.78 12.11
C GLU A 67 30.13 -3.88 13.03
N VAL A 68 29.53 -4.94 12.49
CA VAL A 68 29.18 -6.10 13.30
C VAL A 68 30.41 -6.68 14.01
N LEU A 69 31.55 -6.75 13.32
CA LEU A 69 32.74 -7.30 13.96
C LEU A 69 33.25 -6.44 15.10
N ARG A 70 33.26 -5.12 14.94
CA ARG A 70 33.70 -4.26 16.04
C ARG A 70 32.73 -4.31 17.23
N ALA A 71 31.43 -4.32 16.96
CA ALA A 71 30.46 -4.44 18.05
C ALA A 71 30.63 -5.76 18.79
N GLU A 72 30.92 -6.84 18.08
CA GLU A 72 31.17 -8.13 18.74
C GLU A 72 32.47 -8.13 19.54
N LYS A 73 33.46 -7.36 19.13
CA LYS A 73 34.67 -7.21 19.94
C LYS A 73 34.39 -6.41 21.21
N ASP A 74 33.59 -5.36 21.12
CA ASP A 74 33.06 -4.68 22.29
C ASP A 74 31.95 -5.54 22.91
N ALA A 75 31.25 -4.96 23.89
CA ALA A 75 30.03 -5.56 24.42
C ALA A 75 28.78 -5.10 23.66
N ARG A 76 28.86 -3.97 22.98
CA ARG A 76 27.70 -3.27 22.45
C ARG A 76 27.03 -4.04 21.31
N GLU A 77 25.74 -3.69 21.08
CA GLU A 77 24.97 -4.05 19.89
C GLU A 77 25.39 -3.20 18.68
N PRO A 78 25.46 -3.78 17.48
CA PRO A 78 25.89 -2.99 16.31
C PRO A 78 24.91 -1.89 15.94
N SER A 79 25.45 -0.86 15.29
CA SER A 79 24.68 0.32 14.89
C SER A 79 24.72 0.48 13.37
N LEU A 80 23.55 0.40 12.72
CA LEU A 80 23.46 0.64 11.29
C LEU A 80 23.72 2.10 10.92
N THR A 81 23.35 3.05 11.78
CA THR A 81 23.67 4.46 11.54
C THR A 81 25.17 4.68 11.38
N LYS A 82 25.97 4.00 12.19
CA LYS A 82 27.42 4.14 12.10
C LYS A 82 27.97 3.59 10.79
N ALA A 83 27.44 2.47 10.33
CA ALA A 83 27.83 1.93 9.02
C ALA A 83 27.51 2.89 7.88
N ILE A 84 26.32 3.51 7.89
CA ILE A 84 25.96 4.49 6.86
C ILE A 84 26.94 5.67 6.85
N ILE A 85 27.25 6.23 8.01
CA ILE A 85 28.18 7.36 8.06
C ILE A 85 29.56 6.94 7.55
N LYS A 86 30.10 5.85 8.06
CA LYS A 86 31.41 5.37 7.62
C LYS A 86 31.44 5.10 6.12
N CYS A 87 30.32 4.69 5.53
CA CYS A 87 30.26 4.50 4.08
C CYS A 87 30.26 5.81 3.30
N TYR A 88 29.38 6.74 3.64
CA TYR A 88 29.06 7.87 2.76
C TYR A 88 29.64 9.22 3.17
N TRP A 89 30.31 9.34 4.32
CA TRP A 89 30.70 10.68 4.75
C TRP A 89 31.68 11.36 3.79
N LYS A 90 32.68 10.64 3.27
CA LYS A 90 33.70 11.29 2.45
C LYS A 90 33.13 11.99 1.22
N SER A 91 32.14 11.39 0.58
CA SER A 91 31.55 12.04 -0.61
C SER A 91 30.52 13.10 -0.27
N TYR A 92 29.87 13.01 0.89
CA TYR A 92 28.87 13.98 1.30
C TYR A 92 29.45 15.29 1.82
N VAL A 93 30.54 15.25 2.58
CA VAL A 93 31.11 16.47 3.15
C VAL A 93 31.53 17.48 2.07
N VAL A 94 32.09 17.02 0.94
CA VAL A 94 32.53 17.97 -0.08
C VAL A 94 31.38 18.80 -0.66
N LEU A 95 30.16 18.27 -0.69
CA LEU A 95 29.01 19.09 -1.04
C LEU A 95 28.85 20.32 -0.16
N GLY A 96 29.38 20.30 1.05
CA GLY A 96 29.32 21.47 1.90
C GLY A 96 29.97 22.72 1.35
N ILE A 97 30.91 22.58 0.41
CA ILE A 97 31.43 23.76 -0.29
C ILE A 97 30.34 24.59 -0.97
N PHE A 98 29.38 23.96 -1.65
CA PHE A 98 28.26 24.73 -2.20
C PHE A 98 27.54 25.56 -1.13
N THR A 99 27.08 24.91 -0.07
CA THR A 99 26.43 25.65 1.01
C THR A 99 27.31 26.74 1.60
N LEU A 100 28.61 26.46 1.78
CA LEU A 100 29.52 27.50 2.26
C LEU A 100 29.52 28.73 1.35
N ILE A 101 29.77 28.55 0.06
CA ILE A 101 29.78 29.67 -0.89
C ILE A 101 28.38 30.26 -1.07
N GLU A 102 27.35 29.43 -1.19
CA GLU A 102 26.01 29.95 -1.40
C GLU A 102 25.57 30.85 -0.25
N GLU A 103 25.75 30.39 0.98
CA GLU A 103 25.37 31.20 2.14
C GLU A 103 26.22 32.46 2.31
N SER A 104 27.52 32.39 2.03
CA SER A 104 28.31 33.61 1.93
C SER A 104 27.71 34.62 0.97
N THR A 105 27.28 34.16 -0.20
CA THR A 105 26.58 35.04 -1.15
C THR A 105 25.30 35.63 -0.56
N ARG A 106 24.49 34.82 0.10
CA ARG A 106 23.25 35.32 0.70
C ARG A 106 23.47 36.43 1.73
N VAL A 107 24.60 36.44 2.43
CA VAL A 107 24.91 37.56 3.32
C VAL A 107 25.52 38.76 2.57
N VAL A 108 26.31 38.54 1.52
CA VAL A 108 26.83 39.65 0.73
C VAL A 108 25.72 40.39 0.00
N GLN A 109 24.79 39.65 -0.59
CA GLN A 109 23.76 40.27 -1.44
C GLN A 109 22.95 41.36 -0.74
N PRO A 110 22.54 41.23 0.53
CA PRO A 110 22.01 42.39 1.26
C PRO A 110 22.94 43.58 1.40
N ILE A 111 24.25 43.38 1.52
CA ILE A 111 25.19 44.51 1.63
C ILE A 111 25.24 45.32 0.33
N ILE A 112 25.29 44.67 -0.81
CA ILE A 112 25.16 45.37 -2.09
C ILE A 112 23.87 46.17 -2.15
N LEU A 113 22.75 45.54 -1.81
CA LEU A 113 21.46 46.21 -1.85
C LEU A 113 21.43 47.51 -1.04
N GLY A 114 22.09 47.53 0.11
CA GLY A 114 22.21 48.78 0.85
C GLY A 114 22.90 49.90 0.09
N LYS A 115 23.94 49.57 -0.67
CA LYS A 115 24.62 50.57 -1.51
C LYS A 115 23.77 51.04 -2.70
N ILE A 116 22.88 50.20 -3.24
CA ILE A 116 21.96 50.69 -4.26
C ILE A 116 20.94 51.64 -3.66
N ILE A 117 20.29 51.22 -2.58
CA ILE A 117 19.34 52.10 -1.88
C ILE A 117 20.00 53.40 -1.46
N GLY A 118 21.24 53.34 -0.99
CA GLY A 118 21.96 54.55 -0.64
C GLY A 118 22.05 55.59 -1.73
N TYR A 119 22.02 55.18 -3.00
CA TYR A 119 21.99 56.16 -4.09
C TYR A 119 20.71 56.99 -4.11
N PHE A 120 19.58 56.42 -3.73
CA PHE A 120 18.32 57.16 -3.66
C PHE A 120 18.22 58.05 -2.43
N GLU A 121 18.83 57.66 -1.32
CA GLU A 121 18.82 58.50 -0.11
C GLU A 121 19.58 59.80 -0.31
N ASN A 122 20.75 59.75 -0.91
CA ASN A 122 21.62 60.91 -1.09
C ASN A 122 21.54 61.51 -2.50
N TYR A 123 20.47 61.20 -3.23
CA TYR A 123 20.34 61.45 -4.66
C TYR A 123 20.70 62.88 -5.06
N ASP A 124 21.45 62.99 -6.15
CA ASP A 124 21.80 64.24 -6.84
C ASP A 124 21.82 63.96 -8.35
N PRO A 125 20.91 64.57 -9.13
CA PRO A 125 20.85 64.24 -10.56
C PRO A 125 22.05 64.68 -11.38
N SER A 126 22.89 65.58 -10.87
CA SER A 126 24.04 66.07 -11.62
C SER A 126 25.22 65.10 -11.60
N ASP A 127 25.47 64.44 -10.47
CA ASP A 127 26.75 63.81 -10.12
C ASP A 127 26.95 62.45 -10.80
N SER A 128 27.25 62.50 -12.10
CA SER A 128 27.33 61.29 -12.93
C SER A 128 28.28 60.24 -12.36
N ALA A 129 29.35 60.65 -11.68
CA ALA A 129 30.28 59.68 -11.11
C ALA A 129 29.57 58.74 -10.14
N ALA A 130 28.70 59.28 -9.29
CA ALA A 130 27.85 58.45 -8.45
C ALA A 130 26.95 57.55 -9.29
N LEU A 131 26.33 58.09 -10.33
CA LEU A 131 25.45 57.30 -11.18
C LEU A 131 26.17 56.11 -11.81
N TYR A 132 27.41 56.31 -12.28
CA TYR A 132 28.18 55.18 -12.82
C TYR A 132 28.50 54.14 -11.76
N GLU A 133 28.97 54.58 -10.60
CA GLU A 133 29.18 53.67 -9.48
C GLU A 133 27.92 52.90 -9.10
N ALA A 134 26.78 53.59 -9.02
CA ALA A 134 25.51 52.93 -8.70
C ALA A 134 25.10 51.92 -9.77
N HIS A 135 25.37 52.22 -11.04
CA HIS A 135 25.23 51.17 -12.07
C HIS A 135 26.19 50.01 -11.86
N GLY A 136 27.39 50.26 -11.34
CA GLY A 136 28.30 49.17 -11.02
C GLY A 136 27.75 48.18 -10.01
N TYR A 137 27.20 48.67 -8.91
CA TYR A 137 26.58 47.80 -7.90
C TYR A 137 25.40 47.01 -8.47
N ALA A 138 24.58 47.62 -9.30
CA ALA A 138 23.48 46.86 -9.89
C ALA A 138 23.99 45.70 -10.74
N GLY A 139 25.13 45.87 -11.40
CA GLY A 139 25.78 44.74 -12.07
C GLY A 139 26.24 43.64 -11.11
N VAL A 140 26.95 44.02 -10.05
CA VAL A 140 27.37 43.07 -9.02
C VAL A 140 26.17 42.37 -8.39
N LEU A 141 25.12 43.11 -8.07
CA LEU A 141 23.93 42.48 -7.48
C LEU A 141 23.30 41.48 -8.45
N SER A 142 23.32 41.76 -9.74
CA SER A 142 22.81 40.81 -10.73
C SER A 142 23.68 39.56 -10.85
N ALA A 143 25.01 39.73 -10.82
CA ALA A 143 25.93 38.59 -10.77
C ALA A 143 25.73 37.72 -9.54
N CYS A 144 25.65 38.33 -8.35
CA CYS A 144 25.29 37.57 -7.14
C CYS A 144 24.05 36.72 -7.38
N THR A 145 23.03 37.29 -7.96
CA THR A 145 21.77 36.59 -8.15
C THR A 145 21.93 35.36 -9.05
N LEU A 146 22.76 35.46 -10.10
CA LEU A 146 22.99 34.30 -10.98
C LEU A 146 23.90 33.26 -10.34
N VAL A 147 24.96 33.68 -9.66
CA VAL A 147 25.84 32.75 -8.94
C VAL A 147 25.05 32.01 -7.86
N LEU A 148 24.29 32.75 -7.06
CA LEU A 148 23.44 32.15 -6.04
C LEU A 148 22.46 31.15 -6.65
N ALA A 149 21.84 31.49 -7.77
CA ALA A 149 20.94 30.55 -8.44
C ALA A 149 21.63 29.27 -8.88
N ILE A 150 22.81 29.35 -9.48
CA ILE A 150 23.55 28.15 -9.90
C ILE A 150 23.96 27.28 -8.71
N LEU A 151 24.60 27.89 -7.71
CA LEU A 151 24.99 27.15 -6.51
C LEU A 151 23.81 26.45 -5.85
N HIS A 152 22.69 27.14 -5.71
CA HIS A 152 21.50 26.52 -5.16
C HIS A 152 21.07 25.30 -5.98
N HIS A 153 21.05 25.42 -7.30
CA HIS A 153 20.67 24.27 -8.13
C HIS A 153 21.69 23.13 -8.10
N LEU A 154 23.00 23.43 -8.13
CA LEU A 154 24.01 22.37 -7.97
C LEU A 154 23.88 21.64 -6.65
N TYR A 155 23.77 22.37 -5.53
CA TYR A 155 23.65 21.70 -4.24
C TYR A 155 22.42 20.80 -4.19
N PHE A 156 21.25 21.36 -4.43
CA PHE A 156 20.02 20.57 -4.33
C PHE A 156 19.98 19.41 -5.32
N TYR A 157 20.62 19.54 -6.48
CA TYR A 157 20.76 18.41 -7.39
C TYR A 157 21.54 17.25 -6.76
N HIS A 158 22.77 17.51 -6.31
CA HIS A 158 23.64 16.45 -5.78
C HIS A 158 23.18 15.82 -4.46
N VAL A 159 22.70 16.60 -3.50
CA VAL A 159 22.14 15.95 -2.31
C VAL A 159 20.98 15.02 -2.64
N GLN A 160 20.20 15.33 -3.67
CA GLN A 160 19.11 14.45 -4.04
C GLN A 160 19.60 13.18 -4.73
N CYS A 161 20.71 13.25 -5.47
CA CYS A 161 21.38 12.03 -5.93
C CYS A 161 21.93 11.20 -4.77
N ALA A 162 22.61 11.85 -3.83
CA ALA A 162 23.11 11.17 -2.63
C ALA A 162 22.03 10.36 -1.93
N GLY A 163 20.89 10.99 -1.65
CA GLY A 163 19.77 10.26 -1.07
C GLY A 163 19.28 9.10 -1.90
N MET A 164 19.18 9.28 -3.22
CA MET A 164 18.88 8.16 -4.11
C MET A 164 19.84 6.98 -3.94
N ARG A 165 21.16 7.24 -3.95
CA ARG A 165 22.14 6.18 -3.73
C ARG A 165 21.93 5.44 -2.41
N LEU A 166 21.75 6.16 -1.31
CA LEU A 166 21.44 5.50 -0.04
C LEU A 166 20.23 4.59 -0.13
N ARG A 167 19.11 5.11 -0.64
CA ARG A 167 17.96 4.26 -0.90
C ARG A 167 18.32 3.03 -1.75
N VAL A 168 18.99 3.21 -2.88
CA VAL A 168 19.31 2.06 -3.73
C VAL A 168 20.17 1.04 -2.98
N ALA A 169 21.19 1.51 -2.26
CA ALA A 169 22.02 0.59 -1.48
C ALA A 169 21.22 -0.11 -0.39
N MET A 170 20.35 0.62 0.29
CA MET A 170 19.53 0.02 1.34
C MET A 170 18.58 -1.04 0.79
N CYS A 171 17.94 -0.77 -0.35
CA CYS A 171 17.08 -1.77 -0.95
C CYS A 171 17.84 -3.03 -1.31
N HIS A 172 19.06 -2.89 -1.83
CA HIS A 172 19.89 -4.05 -2.13
C HIS A 172 20.19 -4.87 -0.87
N MET A 173 20.57 -4.20 0.22
CA MET A 173 20.79 -4.88 1.50
C MET A 173 19.54 -5.61 1.98
N ILE A 174 18.39 -4.93 1.97
CA ILE A 174 17.16 -5.53 2.45
C ILE A 174 16.83 -6.78 1.66
N TYR A 175 16.88 -6.70 0.33
CA TYR A 175 16.55 -7.85 -0.50
C TYR A 175 17.57 -8.97 -0.36
N ARG A 176 18.85 -8.65 -0.19
CA ARG A 176 19.87 -9.67 0.03
C ARG A 176 19.65 -10.43 1.33
N LYS A 177 19.22 -9.73 2.39
CA LYS A 177 18.84 -10.40 3.64
C LYS A 177 17.64 -11.33 3.44
N ALA A 178 16.61 -10.82 2.78
CA ALA A 178 15.36 -11.57 2.65
C ALA A 178 15.55 -12.96 2.08
N LEU A 179 16.50 -13.14 1.15
CA LEU A 179 16.74 -14.47 0.62
C LEU A 179 17.24 -15.46 1.68
N ARG A 180 17.93 -14.99 2.71
CA ARG A 180 18.65 -15.86 3.64
C ARG A 180 17.95 -16.06 4.98
N LEU A 181 16.78 -15.46 5.20
CA LEU A 181 16.12 -15.54 6.49
C LEU A 181 15.86 -16.98 6.93
N SER A 182 16.07 -17.23 8.22
CA SER A 182 15.89 -18.54 8.81
C SER A 182 14.43 -18.96 8.78
N ASN A 183 14.19 -20.22 8.42
CA ASN A 183 12.85 -20.68 8.07
C ASN A 183 11.88 -20.56 9.25
N SER A 184 12.40 -20.59 10.48
CA SER A 184 11.56 -20.38 11.65
C SER A 184 11.37 -18.90 11.97
N ALA A 185 12.41 -18.10 11.76
CA ALA A 185 12.32 -16.66 11.98
C ALA A 185 11.50 -15.93 10.92
N MET A 186 11.24 -16.56 9.78
CA MET A 186 10.27 -16.02 8.83
C MET A 186 8.84 -16.00 9.36
N GLY A 187 8.52 -16.86 10.33
CA GLY A 187 7.15 -16.95 10.83
C GLY A 187 6.68 -15.76 11.62
N LYS A 188 7.58 -14.91 12.08
CA LYS A 188 7.23 -13.73 12.87
C LYS A 188 7.19 -12.43 12.07
N THR A 189 7.24 -12.49 10.74
CA THR A 189 7.24 -11.28 9.93
C THR A 189 6.63 -11.62 8.57
N THR A 190 5.40 -11.18 8.36
CA THR A 190 4.67 -11.48 7.13
C THR A 190 5.26 -10.75 5.92
N THR A 191 5.06 -11.34 4.75
CA THR A 191 5.53 -10.76 3.49
C THR A 191 5.16 -9.29 3.36
N GLY A 192 3.94 -8.93 3.74
CA GLY A 192 3.52 -7.54 3.65
C GLY A 192 4.29 -6.61 4.57
N GLN A 193 4.83 -7.13 5.66
CA GLN A 193 5.66 -6.32 6.53
C GLN A 193 7.03 -6.03 5.92
N ILE A 194 7.62 -7.00 5.22
CA ILE A 194 8.87 -6.77 4.53
C ILE A 194 8.67 -5.83 3.33
N VAL A 195 7.62 -6.05 2.55
CA VAL A 195 7.33 -5.17 1.42
C VAL A 195 7.06 -3.75 1.86
N ASN A 196 6.54 -3.56 3.07
CA ASN A 196 6.38 -2.22 3.60
C ASN A 196 7.70 -1.51 3.89
N LEU A 197 8.79 -2.26 4.09
CA LEU A 197 10.10 -1.61 4.21
C LEU A 197 10.45 -0.83 2.95
N LEU A 198 10.39 -1.48 1.79
CA LEU A 198 10.69 -0.79 0.54
C LEU A 198 9.67 0.28 0.22
N SER A 199 8.38 -0.01 0.46
CA SER A 199 7.31 0.89 0.03
C SER A 199 7.33 2.20 0.81
N ASN A 200 7.59 2.14 2.11
CA ASN A 200 7.43 3.29 2.99
C ASN A 200 8.69 3.68 3.72
N ASP A 201 9.42 2.71 4.28
CA ASP A 201 10.52 3.06 5.18
C ASP A 201 11.76 3.54 4.44
N VAL A 202 12.17 2.88 3.35
CA VAL A 202 13.37 3.32 2.66
C VAL A 202 13.18 4.61 1.90
N ASN A 203 11.97 4.87 1.38
CA ASN A 203 11.67 6.15 0.74
C ASN A 203 11.83 7.37 1.65
N LYS A 204 12.11 7.19 2.94
CA LYS A 204 12.51 8.32 3.78
C LYS A 204 13.92 8.82 3.48
N PHE A 205 14.85 7.93 3.18
CA PHE A 205 16.25 8.34 2.97
C PHE A 205 16.42 9.38 1.87
N ASP A 206 15.62 9.34 0.80
CA ASP A 206 15.64 10.43 -0.18
C ASP A 206 15.59 11.83 0.46
N GLN A 207 14.78 11.98 1.50
CA GLN A 207 14.58 13.27 2.15
C GLN A 207 15.65 13.62 3.18
N VAL A 208 16.22 12.62 3.85
CA VAL A 208 17.19 12.85 4.92
C VAL A 208 18.36 13.71 4.45
N THR A 209 19.01 13.32 3.36
CA THR A 209 20.22 13.99 2.89
C THR A 209 20.03 15.43 2.46
N ILE A 210 18.80 15.89 2.22
CA ILE A 210 18.64 17.20 1.61
C ILE A 210 19.11 18.31 2.55
N PHE A 211 18.76 18.26 3.82
CA PHE A 211 18.92 19.43 4.70
C PHE A 211 20.06 19.33 5.71
N LEU A 212 20.84 18.25 5.75
CA LEU A 212 21.78 18.05 6.85
C LEU A 212 22.84 19.15 6.95
N HIS A 213 23.42 19.59 5.83
CA HIS A 213 24.40 20.68 5.92
C HIS A 213 23.90 21.91 6.65
N PHE A 214 22.60 22.18 6.62
CA PHE A 214 22.09 23.34 7.34
C PHE A 214 22.07 23.15 8.86
N LEU A 215 22.26 21.92 9.36
CA LEU A 215 22.48 21.73 10.79
C LEU A 215 23.69 22.49 11.34
N TRP A 216 24.73 22.70 10.54
CA TRP A 216 25.84 23.59 10.90
C TRP A 216 25.79 24.94 10.19
N ALA A 217 25.46 24.96 8.90
CA ALA A 217 25.44 26.22 8.16
C ALA A 217 24.40 27.19 8.70
N GLY A 218 23.24 26.70 9.11
CA GLY A 218 22.26 27.52 9.78
C GLY A 218 22.72 28.26 11.02
N PRO A 219 23.11 27.54 12.07
CA PRO A 219 23.76 28.20 13.22
C PRO A 219 24.94 29.10 12.91
N LEU A 220 25.89 28.66 12.08
CA LEU A 220 27.00 29.52 11.70
C LEU A 220 26.54 30.79 11.01
N GLN A 221 25.65 30.68 10.03
CA GLN A 221 25.08 31.85 9.39
C GLN A 221 24.39 32.78 10.39
N ALA A 222 23.63 32.22 11.33
CA ALA A 222 23.06 33.02 12.40
C ALA A 222 24.12 33.83 13.14
N ILE A 223 25.26 33.21 13.47
CA ILE A 223 26.34 33.94 14.13
C ILE A 223 26.88 35.06 13.24
N VAL A 224 27.21 34.76 11.99
CA VAL A 224 27.67 35.78 11.06
C VAL A 224 26.64 36.91 10.89
N VAL A 225 25.38 36.53 10.62
CA VAL A 225 24.30 37.51 10.50
C VAL A 225 24.17 38.36 11.75
N THR A 226 24.32 37.78 12.93
CA THR A 226 24.34 38.58 14.14
C THR A 226 25.49 39.58 14.12
N ALA A 227 26.68 39.16 13.68
CA ALA A 227 27.80 40.10 13.63
C ALA A 227 27.57 41.21 12.59
N LEU A 228 27.07 40.86 11.41
CA LEU A 228 26.72 41.88 10.42
C LEU A 228 25.69 42.88 10.94
N LEU A 229 24.56 42.40 11.44
CA LEU A 229 23.56 43.28 12.04
C LEU A 229 24.15 44.14 13.14
N TRP A 230 25.08 43.61 13.93
CA TRP A 230 25.61 44.41 15.03
C TRP A 230 26.23 45.70 14.55
N MET A 231 26.96 45.67 13.43
CA MET A 231 27.55 46.91 12.93
C MET A 231 26.51 47.90 12.42
N GLU A 232 25.31 47.42 12.06
CA GLU A 232 24.27 48.21 11.42
C GLU A 232 23.24 48.77 12.38
N ILE A 233 22.77 47.99 13.36
CA ILE A 233 21.70 48.43 14.24
C ILE A 233 22.02 48.16 15.71
N GLY A 234 23.25 47.74 15.99
CA GLY A 234 23.72 47.63 17.36
C GLY A 234 23.07 46.53 18.19
N ILE A 235 23.02 46.79 19.50
CA ILE A 235 22.53 45.82 20.48
C ILE A 235 21.11 45.33 20.16
N SER A 236 20.31 46.13 19.45
CA SER A 236 18.97 45.71 19.05
C SER A 236 18.97 44.43 18.24
N CYS A 237 20.12 44.06 17.68
CA CYS A 237 20.29 42.75 17.06
C CYS A 237 19.88 41.60 17.96
N LEU A 238 20.24 41.66 19.24
CA LEU A 238 20.03 40.53 20.15
C LEU A 238 18.56 40.24 20.41
N ALA A 239 17.70 41.25 20.35
CA ALA A 239 16.26 40.99 20.51
C ALA A 239 15.73 40.04 19.45
N GLY A 240 16.18 40.18 18.21
CA GLY A 240 15.75 39.27 17.17
C GLY A 240 16.32 37.87 17.32
N MET A 241 17.58 37.76 17.73
CA MET A 241 18.20 36.47 18.01
C MET A 241 17.58 35.75 19.20
N ALA A 242 17.18 36.47 20.24
CA ALA A 242 16.51 35.82 21.35
C ALA A 242 15.25 35.11 20.92
N VAL A 243 14.44 35.73 20.06
CA VAL A 243 13.30 35.02 19.48
C VAL A 243 13.78 33.78 18.73
N LEU A 244 14.81 33.94 17.91
CA LEU A 244 15.35 32.83 17.13
C LEU A 244 15.76 31.63 17.98
N ILE A 245 16.43 31.87 19.11
CA ILE A 245 16.80 30.76 20.00
C ILE A 245 15.67 30.27 20.90
N ILE A 246 14.51 30.92 20.89
CA ILE A 246 13.31 30.29 21.44
C ILE A 246 12.61 29.44 20.38
N LEU A 247 12.53 29.94 19.15
CA LEU A 247 11.97 29.16 18.05
C LEU A 247 12.71 27.84 17.83
N LEU A 248 14.03 27.87 17.80
CA LEU A 248 14.80 26.66 17.55
C LEU A 248 14.41 25.47 18.42
N PRO A 249 14.46 25.56 19.75
CA PRO A 249 13.93 24.43 20.55
C PRO A 249 12.49 24.08 20.26
N LEU A 250 11.59 25.06 20.24
CA LEU A 250 10.17 24.77 20.05
C LEU A 250 9.88 24.06 18.73
N GLN A 251 10.41 24.58 17.62
CA GLN A 251 10.26 23.90 16.33
C GLN A 251 10.89 22.51 16.31
N SER A 252 12.04 22.34 16.95
CA SER A 252 12.65 21.02 17.06
C SER A 252 11.80 20.05 17.88
N CYS A 253 11.24 20.50 19.00
CA CYS A 253 10.34 19.66 19.79
C CYS A 253 9.09 19.26 19.01
N ILE A 254 8.43 20.21 18.34
CA ILE A 254 7.36 19.86 17.41
C ILE A 254 7.77 18.76 16.43
N GLY A 255 8.93 18.91 15.80
CA GLY A 255 9.39 17.87 14.89
C GLY A 255 9.59 16.50 15.52
N LYS A 256 10.12 16.46 16.73
CA LYS A 256 10.17 15.22 17.51
C LYS A 256 8.78 14.68 17.82
N LEU A 257 7.92 15.50 18.42
CA LEU A 257 6.58 15.06 18.77
C LEU A 257 5.73 14.69 17.56
N PHE A 258 5.84 15.44 16.47
CA PHE A 258 5.23 15.03 15.21
C PHE A 258 5.61 13.60 14.81
N SER A 259 6.90 13.30 14.80
CA SER A 259 7.37 11.95 14.46
C SER A 259 6.77 10.88 15.36
N SER A 260 6.68 11.13 16.66
CA SER A 260 6.06 10.16 17.56
C SER A 260 4.58 9.91 17.25
N LEU A 261 3.79 10.97 17.06
CA LEU A 261 2.41 10.79 16.59
C LEU A 261 2.33 10.00 15.29
N ARG A 262 3.15 10.37 14.31
CA ARG A 262 3.16 9.67 13.04
C ARG A 262 3.45 8.19 13.21
N SER A 263 4.42 7.84 14.05
CA SER A 263 4.69 6.44 14.38
C SER A 263 3.49 5.76 15.05
N LYS A 264 2.88 6.37 16.05
CA LYS A 264 1.70 5.80 16.69
C LYS A 264 0.49 5.73 15.77
N THR A 265 0.41 6.56 14.73
CA THR A 265 -0.69 6.45 13.76
C THR A 265 -0.52 5.24 12.86
N ALA A 266 0.71 4.94 12.45
CA ALA A 266 0.92 3.88 11.47
C ALA A 266 0.32 2.56 11.91
N ALA A 267 0.31 2.28 13.21
CA ALA A 267 -0.32 1.05 13.70
C ALA A 267 -1.80 0.97 13.32
N PHE A 268 -2.56 2.05 13.48
CA PHE A 268 -3.96 2.05 13.05
C PHE A 268 -4.11 1.94 11.54
N THR A 269 -3.28 2.66 10.78
CA THR A 269 -3.37 2.59 9.33
C THR A 269 -3.08 1.19 8.81
N ASP A 270 -2.02 0.57 9.31
CA ASP A 270 -1.73 -0.80 8.92
C ASP A 270 -2.86 -1.76 9.29
N THR A 271 -3.42 -1.61 10.49
CA THR A 271 -4.55 -2.45 10.88
C THR A 271 -5.78 -2.20 10.00
N ARG A 272 -6.06 -0.94 9.67
CA ARG A 272 -7.19 -0.63 8.80
C ARG A 272 -7.01 -1.25 7.43
N ILE A 273 -5.82 -1.11 6.84
CA ILE A 273 -5.59 -1.66 5.52
C ILE A 273 -5.67 -3.18 5.52
N ARG A 274 -5.07 -3.85 6.50
CA ARG A 274 -5.21 -5.30 6.59
C ARG A 274 -6.66 -5.73 6.78
N THR A 275 -7.42 -5.02 7.61
CA THR A 275 -8.85 -5.34 7.73
C THR A 275 -9.58 -5.07 6.43
N MET A 276 -9.32 -3.93 5.81
CA MET A 276 -10.00 -3.59 4.57
C MET A 276 -9.66 -4.57 3.46
N ASN A 277 -8.43 -5.10 3.47
CA ASN A 277 -8.07 -6.15 2.52
C ASN A 277 -8.91 -7.40 2.68
N GLU A 278 -9.15 -7.85 3.92
CA GLU A 278 -10.00 -9.03 4.10
C GLU A 278 -11.49 -8.73 3.87
N VAL A 279 -11.94 -7.49 4.07
CA VAL A 279 -13.28 -7.11 3.65
C VAL A 279 -13.43 -7.27 2.13
N ILE A 280 -12.54 -6.62 1.38
CA ILE A 280 -12.66 -6.62 -0.08
C ILE A 280 -12.47 -8.03 -0.64
N THR A 281 -11.54 -8.79 -0.07
CA THR A 281 -11.31 -10.15 -0.55
C THR A 281 -12.49 -11.07 -0.24
N GLY A 282 -13.12 -10.89 0.91
CA GLY A 282 -14.16 -11.81 1.36
C GLY A 282 -15.59 -11.37 1.10
N ILE A 283 -15.80 -10.39 0.23
CA ILE A 283 -17.02 -9.59 0.30
C ILE A 283 -18.27 -10.41 0.03
N ARG A 284 -18.19 -11.44 -0.80
CA ARG A 284 -19.36 -12.29 -1.02
C ARG A 284 -19.80 -12.99 0.26
N ILE A 285 -18.86 -13.53 1.03
CA ILE A 285 -19.20 -14.18 2.29
C ILE A 285 -19.73 -13.18 3.31
N ILE A 286 -19.13 -12.00 3.39
CA ILE A 286 -19.66 -10.97 4.29
C ILE A 286 -21.09 -10.62 3.93
N LYS A 287 -21.39 -10.48 2.64
CA LYS A 287 -22.75 -10.24 2.18
C LYS A 287 -23.70 -11.37 2.56
N MET A 288 -23.34 -12.61 2.24
CA MET A 288 -24.26 -13.71 2.45
C MET A 288 -24.56 -13.96 3.93
N TYR A 289 -23.59 -13.73 4.82
CA TYR A 289 -23.87 -13.77 6.25
C TYR A 289 -24.56 -12.52 6.77
N ALA A 290 -24.73 -11.49 5.94
CA ALA A 290 -25.23 -10.18 6.37
C ALA A 290 -24.37 -9.54 7.47
N TRP A 291 -23.09 -9.88 7.55
CA TRP A 291 -22.18 -9.37 8.58
C TRP A 291 -21.67 -7.97 8.29
N GLU A 292 -22.24 -7.30 7.29
CA GLU A 292 -21.77 -5.98 6.90
C GLU A 292 -21.75 -5.01 8.09
N LYS A 293 -22.75 -5.08 8.96
CA LYS A 293 -22.80 -4.21 10.14
C LYS A 293 -21.58 -4.37 11.04
N SER A 294 -21.01 -5.57 11.15
CA SER A 294 -19.88 -5.76 12.04
C SER A 294 -18.60 -5.15 11.49
N PHE A 295 -18.31 -5.36 10.20
CA PHE A 295 -17.13 -4.74 9.59
C PHE A 295 -17.30 -3.24 9.42
N ALA A 296 -18.52 -2.77 9.25
CA ALA A 296 -18.75 -1.33 9.34
C ALA A 296 -18.28 -0.78 10.69
N ASP A 297 -18.69 -1.42 11.78
CA ASP A 297 -18.26 -0.99 13.11
C ASP A 297 -16.76 -1.09 13.31
N LEU A 298 -16.14 -2.18 12.85
CA LEU A 298 -14.71 -2.36 13.06
C LEU A 298 -13.88 -1.35 12.27
N ILE A 299 -14.18 -1.17 10.98
CA ILE A 299 -13.50 -0.14 10.21
C ILE A 299 -13.81 1.25 10.73
N THR A 300 -15.05 1.49 11.14
CA THR A 300 -15.40 2.82 11.63
C THR A 300 -14.51 3.26 12.78
N ASN A 301 -14.29 2.38 13.76
CA ASN A 301 -13.51 2.76 14.93
C ASN A 301 -12.01 2.80 14.70
N LEU A 302 -11.45 1.95 13.83
CA LEU A 302 -10.06 2.15 13.42
C LEU A 302 -9.89 3.50 12.75
N ARG A 303 -10.78 3.83 11.83
CA ARG A 303 -10.70 5.12 11.13
C ARG A 303 -10.91 6.28 12.10
N ARG A 304 -11.83 6.13 13.05
CA ARG A 304 -12.07 7.19 14.03
C ARG A 304 -10.86 7.44 14.94
N LYS A 305 -10.13 6.39 15.30
CA LYS A 305 -8.86 6.57 16.00
C LYS A 305 -7.81 7.18 15.08
N GLU A 306 -7.60 6.58 13.91
CA GLU A 306 -6.62 7.05 12.95
C GLU A 306 -6.80 8.52 12.59
N ILE A 307 -8.04 8.92 12.29
CA ILE A 307 -8.28 10.30 11.90
C ILE A 307 -8.00 11.28 13.03
N SER A 308 -8.18 10.88 14.28
CA SER A 308 -7.88 11.79 15.38
C SER A 308 -6.38 12.07 15.51
N LYS A 309 -5.54 11.06 15.33
CA LYS A 309 -4.10 11.31 15.30
C LYS A 309 -3.68 12.14 14.08
N ILE A 310 -4.24 11.86 12.90
CA ILE A 310 -4.01 12.71 11.73
C ILE A 310 -4.34 14.17 11.98
N LEU A 311 -5.50 14.47 12.58
CA LEU A 311 -5.80 15.85 12.92
C LEU A 311 -4.71 16.49 13.78
N ARG A 312 -4.48 15.94 14.98
CA ARG A 312 -3.42 16.46 15.84
C ARG A 312 -2.08 16.58 15.12
N SER A 313 -1.63 15.50 14.48
CA SER A 313 -0.43 15.55 13.66
C SER A 313 -0.43 16.71 12.67
N SER A 314 -1.52 16.85 11.91
CA SER A 314 -1.63 17.93 10.93
C SER A 314 -1.55 19.31 11.55
N TYR A 315 -2.22 19.55 12.67
CA TYR A 315 -2.07 20.83 13.35
C TYR A 315 -0.62 21.12 13.75
N LEU A 316 0.07 20.16 14.35
CA LEU A 316 1.50 20.35 14.57
C LEU A 316 2.24 20.78 13.32
N ARG A 317 2.11 19.99 12.25
CA ARG A 317 2.79 20.34 11.00
C ARG A 317 2.31 21.66 10.41
N GLY A 318 1.04 22.01 10.55
CA GLY A 318 0.58 23.35 10.22
C GLY A 318 1.16 24.48 11.06
N MET A 319 1.34 24.25 12.35
CA MET A 319 2.06 25.21 13.22
C MET A 319 3.52 25.40 12.82
N ASN A 320 4.19 24.34 12.42
CA ASN A 320 5.57 24.45 11.96
C ASN A 320 5.66 25.36 10.73
N LEU A 321 4.83 25.12 9.73
CA LEU A 321 4.86 25.92 8.50
C LEU A 321 4.28 27.32 8.68
N ALA A 322 3.33 27.51 9.60
CA ALA A 322 2.91 28.84 10.01
C ALA A 322 4.04 29.64 10.66
N SER A 323 4.83 28.99 11.51
CA SER A 323 6.00 29.63 12.11
C SER A 323 6.96 30.18 11.06
N PHE A 324 7.27 29.40 10.03
CA PHE A 324 8.10 29.92 8.94
C PHE A 324 7.49 31.15 8.29
N PHE A 325 6.18 31.17 8.10
CA PHE A 325 5.50 32.34 7.54
C PHE A 325 5.67 33.58 8.41
N VAL A 326 5.35 33.45 9.71
CA VAL A 326 5.35 34.60 10.62
C VAL A 326 6.72 34.92 11.25
N ALA A 327 7.66 33.98 11.25
CA ALA A 327 8.89 34.15 12.02
C ALA A 327 9.59 35.47 11.76
N SER A 328 9.95 35.74 10.50
CA SER A 328 10.59 37.01 10.17
C SER A 328 9.75 38.22 10.58
N LYS A 329 8.45 38.18 10.34
CA LYS A 329 7.57 39.27 10.80
C LYS A 329 7.66 39.52 12.31
N ILE A 330 7.79 38.46 13.12
CA ILE A 330 8.07 38.64 14.55
C ILE A 330 9.47 39.18 14.79
N ILE A 331 10.49 38.54 14.22
CA ILE A 331 11.87 38.95 14.45
C ILE A 331 12.08 40.42 14.08
N VAL A 332 11.63 40.81 12.90
CA VAL A 332 11.69 42.21 12.48
C VAL A 332 10.90 43.13 13.42
N PHE A 333 9.73 42.69 13.89
CA PHE A 333 8.95 43.50 14.83
C PHE A 333 9.68 43.77 16.14
N VAL A 334 10.19 42.74 16.81
CA VAL A 334 10.89 42.96 18.07
C VAL A 334 12.17 43.77 17.88
N THR A 335 12.90 43.54 16.78
CA THR A 335 14.13 44.27 16.51
C THR A 335 13.89 45.78 16.37
N PHE A 336 13.01 46.18 15.46
CA PHE A 336 12.69 47.59 15.26
C PHE A 336 11.84 48.18 16.38
N THR A 337 11.07 47.38 17.11
CA THR A 337 10.42 47.91 18.31
C THR A 337 11.44 48.29 19.38
N THR A 338 12.40 47.41 19.64
CA THR A 338 13.45 47.75 20.60
C THR A 338 14.33 48.87 20.08
N TYR A 339 14.59 48.89 18.77
CA TYR A 339 15.40 49.93 18.16
C TYR A 339 14.84 51.32 18.40
N VAL A 340 13.53 51.52 18.22
CA VAL A 340 12.96 52.86 18.41
C VAL A 340 12.80 53.25 19.87
N PHE A 341 12.55 52.30 20.78
CA PHE A 341 12.58 52.64 22.20
C PHE A 341 13.97 53.03 22.66
N LEU A 342 15.01 52.51 22.03
CA LEU A 342 16.38 52.93 22.28
C LEU A 342 16.74 54.24 21.59
N GLY A 343 15.76 54.95 21.03
CA GLY A 343 15.97 56.29 20.51
C GLY A 343 16.40 56.39 19.06
N ASN A 344 16.57 55.27 18.36
CA ASN A 344 16.97 55.28 16.97
C ASN A 344 15.80 55.70 16.06
N VAL A 345 16.12 56.01 14.80
CA VAL A 345 15.15 56.43 13.80
C VAL A 345 15.19 55.49 12.60
N ILE A 346 14.03 55.22 12.04
CA ILE A 346 13.88 54.35 10.87
C ILE A 346 14.38 55.05 9.61
N THR A 347 15.32 54.41 8.91
CA THR A 347 15.78 54.85 7.60
C THR A 347 15.77 53.67 6.63
N ALA A 348 15.45 53.96 5.38
CA ALA A 348 15.17 52.92 4.39
C ALA A 348 16.30 51.92 4.22
N SER A 349 17.53 52.41 4.08
CA SER A 349 18.70 51.54 3.92
C SER A 349 18.86 50.53 5.05
N ARG A 350 18.94 51.01 6.30
CA ARG A 350 19.05 50.12 7.45
C ARG A 350 17.93 49.09 7.53
N VAL A 351 16.68 49.53 7.45
CA VAL A 351 15.54 48.62 7.49
C VAL A 351 15.67 47.50 6.46
N PHE A 352 15.72 47.84 5.18
CA PHE A 352 15.67 46.81 4.14
C PHE A 352 16.93 45.95 4.06
N VAL A 353 18.11 46.47 4.39
CA VAL A 353 19.25 45.59 4.60
C VAL A 353 18.97 44.59 5.74
N ALA A 354 18.55 45.08 6.90
CA ALA A 354 18.21 44.21 8.02
C ALA A 354 17.10 43.22 7.69
N VAL A 355 16.00 43.69 7.11
CA VAL A 355 14.95 42.80 6.62
C VAL A 355 15.54 41.71 5.72
N SER A 356 16.44 42.08 4.82
CA SER A 356 17.03 41.11 3.89
C SER A 356 17.97 40.13 4.58
N LEU A 357 18.75 40.57 5.56
CA LEU A 357 19.58 39.64 6.35
C LEU A 357 18.74 38.64 7.13
N TYR A 358 17.74 39.10 7.88
CA TYR A 358 16.82 38.17 8.54
C TYR A 358 16.14 37.22 7.56
N GLY A 359 15.82 37.67 6.36
CA GLY A 359 15.38 36.74 5.33
C GLY A 359 16.29 35.56 5.09
N ALA A 360 17.60 35.77 5.12
CA ALA A 360 18.55 34.65 5.06
C ALA A 360 18.39 33.68 6.21
N VAL A 361 18.44 34.18 7.44
CA VAL A 361 18.17 33.39 8.64
C VAL A 361 16.81 32.70 8.57
N ARG A 362 15.80 33.37 8.04
CA ARG A 362 14.47 32.78 7.92
C ARG A 362 14.47 31.48 7.12
N LEU A 363 15.26 31.37 6.04
CA LEU A 363 15.33 30.07 5.35
C LEU A 363 16.09 29.03 6.16
N THR A 364 17.35 29.30 6.46
CA THR A 364 18.27 28.28 6.99
C THR A 364 17.87 27.81 8.39
N VAL A 365 17.48 28.72 9.28
CA VAL A 365 17.35 28.41 10.70
C VAL A 365 15.93 28.02 11.09
N THR A 366 14.93 28.59 10.44
CA THR A 366 13.54 28.33 10.79
C THR A 366 12.77 27.57 9.72
N LEU A 367 13.38 27.24 8.58
CA LEU A 367 12.81 26.24 7.68
C LEU A 367 13.75 25.06 7.51
N PHE A 368 14.99 25.25 7.04
CA PHE A 368 15.85 24.11 6.74
C PHE A 368 16.37 23.38 7.97
N PHE A 369 16.79 24.08 9.02
CA PHE A 369 17.19 23.40 10.25
C PHE A 369 16.10 22.57 10.90
N PRO A 370 14.91 23.10 11.20
CA PRO A 370 13.80 22.23 11.60
C PRO A 370 13.49 21.08 10.64
N SER A 371 13.52 21.30 9.34
CA SER A 371 13.23 20.22 8.40
C SER A 371 14.25 19.08 8.51
N ALA A 372 15.51 19.40 8.78
CA ALA A 372 16.53 18.39 9.03
C ALA A 372 16.22 17.55 10.28
N VAL A 373 15.94 18.22 11.40
CA VAL A 373 15.63 17.52 12.65
C VAL A 373 14.45 16.56 12.49
N GLU A 374 13.35 17.03 11.93
CA GLU A 374 12.22 16.13 11.71
C GLU A 374 12.59 14.98 10.77
N LYS A 375 13.25 15.28 9.65
CA LYS A 375 13.55 14.20 8.70
C LYS A 375 14.65 13.26 9.19
N VAL A 376 15.58 13.75 10.02
CA VAL A 376 16.49 12.85 10.72
C VAL A 376 15.75 12.01 11.76
N SER A 377 14.84 12.62 12.53
CA SER A 377 13.97 11.87 13.43
C SER A 377 13.22 10.75 12.72
N GLU A 378 12.58 11.08 11.60
CA GLU A 378 11.94 10.07 10.76
C GLU A 378 12.91 9.04 10.18
N ALA A 379 14.15 9.44 9.88
CA ALA A 379 15.17 8.47 9.48
C ALA A 379 15.39 7.39 10.52
N PHE A 380 15.65 7.78 11.78
CA PHE A 380 15.95 6.79 12.82
C PHE A 380 14.85 5.74 13.00
N VAL A 381 13.58 6.11 12.90
CA VAL A 381 12.55 5.07 12.96
C VAL A 381 12.70 4.08 11.80
N SER A 382 13.01 4.56 10.61
CA SER A 382 13.31 3.66 9.48
C SER A 382 14.55 2.81 9.76
N ILE A 383 15.66 3.44 10.12
CA ILE A 383 16.88 2.70 10.46
C ILE A 383 16.63 1.67 11.55
N ARG A 384 15.87 2.03 12.58
CA ARG A 384 15.59 1.07 13.64
C ARG A 384 14.82 -0.15 13.14
N ARG A 385 13.76 0.06 12.36
CA ARG A 385 13.03 -1.07 11.80
C ARG A 385 13.88 -1.88 10.82
N ILE A 386 14.70 -1.22 10.00
CA ILE A 386 15.58 -1.95 9.08
C ILE A 386 16.62 -2.76 9.85
N LYS A 387 17.24 -2.16 10.87
CA LYS A 387 18.24 -2.90 11.63
C LYS A 387 17.65 -4.15 12.27
N ASN A 388 16.46 -4.04 12.85
CA ASN A 388 15.82 -5.22 13.43
C ASN A 388 15.64 -6.32 12.39
N PHE A 389 15.30 -5.95 11.16
CA PHE A 389 15.21 -6.93 10.08
C PHE A 389 16.57 -7.49 9.71
N LEU A 390 17.60 -6.64 9.63
CA LEU A 390 18.95 -7.12 9.32
C LEU A 390 19.53 -8.02 10.41
N LEU A 391 19.05 -7.90 11.64
CA LEU A 391 19.48 -8.75 12.75
C LEU A 391 18.62 -10.00 12.96
N LEU A 392 17.64 -10.28 12.11
CA LEU A 392 16.92 -11.54 12.20
C LEU A 392 17.87 -12.73 11.99
N ASP A 393 17.44 -13.88 12.49
CA ASP A 393 18.16 -15.13 12.29
C ASP A 393 18.16 -15.53 10.82
N GLU A 394 19.21 -16.24 10.40
CA GLU A 394 19.40 -16.53 8.98
C GLU A 394 20.05 -17.89 8.76
N ILE A 409 21.38 -42.08 -4.74
CA ILE A 409 20.78 -42.71 -3.56
C ILE A 409 20.45 -41.65 -2.51
N VAL A 410 19.41 -41.92 -1.72
CA VAL A 410 19.04 -41.10 -0.57
C VAL A 410 18.93 -42.00 0.65
N ASN A 411 19.44 -41.54 1.78
CA ASN A 411 19.37 -42.29 3.03
C ASN A 411 19.00 -41.36 4.18
N VAL A 412 18.15 -41.86 5.08
CA VAL A 412 17.63 -41.10 6.22
C VAL A 412 17.48 -42.08 7.39
N GLN A 413 18.23 -41.85 8.46
CA GLN A 413 18.28 -42.80 9.57
C GLN A 413 18.25 -42.10 10.93
N ASP A 414 17.46 -42.67 11.84
CA ASP A 414 17.20 -42.12 13.17
C ASP A 414 16.76 -40.65 13.18
N PHE A 415 16.36 -40.12 12.03
CA PHE A 415 16.27 -38.69 11.84
C PHE A 415 15.19 -38.06 12.71
N THR A 416 15.58 -37.07 13.52
CA THR A 416 14.69 -36.35 14.42
C THR A 416 15.02 -34.87 14.36
N ALA A 417 13.99 -34.01 14.33
CA ALA A 417 14.22 -32.58 14.18
C ALA A 417 13.10 -31.76 14.80
N PHE A 418 13.42 -30.49 15.11
CA PHE A 418 12.47 -29.48 15.59
C PHE A 418 12.43 -28.29 14.63
N TRP A 419 11.22 -27.87 14.24
CA TRP A 419 11.04 -26.52 13.72
C TRP A 419 11.15 -25.46 14.81
N ASP A 420 10.82 -25.82 16.05
CA ASP A 420 10.92 -24.90 17.18
C ASP A 420 11.09 -25.72 18.45
N LYS A 421 12.20 -25.51 19.15
CA LYS A 421 12.49 -26.25 20.38
C LYS A 421 11.48 -25.99 21.49
N ALA A 422 10.66 -24.95 21.38
CA ALA A 422 9.54 -24.76 22.31
C ALA A 422 8.43 -25.78 22.11
N SER A 423 8.44 -26.52 21.01
CA SER A 423 7.45 -27.57 20.78
C SER A 423 7.49 -28.64 21.86
N ASP A 424 6.31 -29.17 22.19
CA ASP A 424 6.20 -30.25 23.18
C ASP A 424 6.87 -31.54 22.71
N THR A 425 7.07 -31.71 21.42
CA THR A 425 7.77 -32.86 20.86
C THR A 425 8.66 -32.37 19.73
N PRO A 426 9.66 -33.16 19.34
CA PRO A 426 10.23 -32.99 18.00
C PRO A 426 9.15 -33.06 16.93
N THR A 427 9.37 -32.30 15.85
CA THR A 427 8.39 -32.22 14.77
C THR A 427 8.58 -33.29 13.72
N LEU A 428 9.75 -33.94 13.67
CA LEU A 428 9.90 -35.25 13.05
C LEU A 428 10.79 -36.11 13.93
N GLN A 429 10.55 -37.43 13.91
CA GLN A 429 11.27 -38.31 14.83
C GLN A 429 11.56 -39.68 14.22
N SER A 430 12.77 -40.18 14.55
CA SER A 430 13.20 -41.57 14.32
C SER A 430 12.93 -42.13 12.91
N LEU A 431 12.97 -41.29 11.88
CA LEU A 431 12.79 -41.81 10.52
C LEU A 431 13.99 -42.66 10.10
N SER A 432 13.71 -43.81 9.46
CA SER A 432 14.75 -44.76 9.03
C SER A 432 14.37 -45.40 7.70
N PHE A 433 14.85 -44.84 6.60
CA PHE A 433 14.53 -45.34 5.26
C PHE A 433 15.63 -44.94 4.28
N THR A 434 15.64 -45.63 3.12
CA THR A 434 16.53 -45.27 2.02
C THR A 434 15.88 -45.64 0.69
N VAL A 435 16.24 -44.88 -0.35
CA VAL A 435 15.70 -45.06 -1.70
C VAL A 435 16.79 -44.78 -2.73
N ARG A 436 16.71 -45.46 -3.86
CA ARG A 436 17.79 -45.58 -4.82
C ARG A 436 17.30 -45.34 -6.25
N PRO A 437 18.22 -45.05 -7.17
CA PRO A 437 17.82 -44.73 -8.55
C PRO A 437 16.86 -45.75 -9.17
N GLY A 438 15.91 -45.23 -9.96
CA GLY A 438 14.84 -46.02 -10.55
C GLY A 438 13.64 -46.26 -9.67
N GLU A 439 13.69 -45.95 -8.38
CA GLU A 439 12.59 -46.23 -7.47
C GLU A 439 11.68 -45.02 -7.28
N LEU A 440 10.38 -45.31 -7.11
CA LEU A 440 9.41 -44.36 -6.61
C LEU A 440 9.09 -44.70 -5.16
N LEU A 441 9.34 -43.75 -4.25
CA LEU A 441 8.93 -43.86 -2.85
C LEU A 441 7.70 -42.97 -2.61
N ALA A 442 6.61 -43.58 -2.17
CA ALA A 442 5.40 -42.87 -1.76
C ALA A 442 5.42 -42.63 -0.24
N VAL A 443 5.18 -41.38 0.15
CA VAL A 443 5.12 -40.97 1.56
C VAL A 443 3.67 -40.70 1.95
N VAL A 444 3.21 -41.36 3.00
CA VAL A 444 1.79 -41.49 3.32
C VAL A 444 1.58 -41.23 4.81
N GLY A 445 0.38 -40.80 5.18
CA GLY A 445 0.01 -40.62 6.56
C GLY A 445 -0.98 -39.51 6.85
N PRO A 446 -1.46 -39.44 8.10
CA PRO A 446 -2.47 -38.45 8.47
C PRO A 446 -1.99 -37.00 8.37
N VAL A 447 -2.94 -36.09 8.59
CA VAL A 447 -2.64 -34.67 8.70
C VAL A 447 -1.75 -34.40 9.90
N GLY A 448 -0.72 -33.58 9.70
CA GLY A 448 0.24 -33.26 10.74
C GLY A 448 1.29 -34.30 11.00
N ALA A 449 1.32 -35.39 10.22
CA ALA A 449 2.31 -36.45 10.42
C ALA A 449 3.71 -36.06 10.00
N GLY A 450 3.90 -34.89 9.37
CA GLY A 450 5.23 -34.44 9.01
C GLY A 450 5.67 -34.78 7.61
N LYS A 451 4.73 -35.12 6.72
CA LYS A 451 5.09 -35.58 5.37
C LYS A 451 5.88 -34.53 4.60
N SER A 452 5.41 -33.28 4.59
CA SER A 452 6.16 -32.20 3.94
C SER A 452 7.46 -31.89 4.66
N SER A 453 7.50 -32.04 5.99
CA SER A 453 8.76 -31.85 6.71
C SER A 453 9.82 -32.86 6.28
N LEU A 454 9.41 -34.07 5.94
CA LEU A 454 10.36 -35.07 5.43
C LEU A 454 11.03 -34.58 4.15
N LEU A 455 10.24 -34.07 3.20
CA LEU A 455 10.83 -33.50 1.99
C LEU A 455 11.74 -32.32 2.32
N SER A 456 11.33 -31.46 3.26
CA SER A 456 12.19 -30.35 3.66
C SER A 456 13.48 -30.83 4.31
N ALA A 457 13.46 -32.01 4.94
CA ALA A 457 14.69 -32.57 5.50
C ALA A 457 15.63 -33.07 4.40
N VAL A 458 15.09 -33.81 3.43
CA VAL A 458 15.93 -34.27 2.33
C VAL A 458 16.43 -33.08 1.51
N LEU A 459 15.61 -32.04 1.39
CA LEU A 459 16.07 -30.79 0.79
C LEU A 459 17.14 -30.10 1.63
N GLY A 460 17.25 -30.42 2.91
CA GLY A 460 18.25 -29.83 3.78
C GLY A 460 17.84 -28.55 4.46
N GLU A 461 16.60 -28.11 4.31
CA GLU A 461 16.10 -26.97 5.06
C GLU A 461 15.79 -27.30 6.51
N LEU A 462 15.53 -28.58 6.83
CA LEU A 462 15.30 -29.05 8.19
C LEU A 462 16.43 -29.97 8.63
N PRO A 463 17.48 -29.46 9.28
CA PRO A 463 18.61 -30.31 9.69
C PRO A 463 18.25 -31.20 10.87
N PRO A 464 18.95 -32.33 11.03
CA PRO A 464 18.69 -33.23 12.16
C PRO A 464 19.13 -32.65 13.49
N ASN A 465 18.29 -32.83 14.50
CA ASN A 465 18.74 -32.75 15.89
C ASN A 465 19.29 -34.08 16.39
N GLN A 466 18.83 -35.20 15.83
CA GLN A 466 19.55 -36.46 15.91
C GLN A 466 19.29 -37.24 14.62
N GLY A 467 20.12 -38.27 14.40
CA GLY A 467 20.10 -39.03 13.17
C GLY A 467 20.86 -38.34 12.05
N GLN A 468 20.74 -38.90 10.85
CA GLN A 468 21.58 -38.48 9.73
C GLN A 468 20.83 -38.60 8.40
N VAL A 469 21.25 -37.78 7.44
CA VAL A 469 20.68 -37.72 6.10
C VAL A 469 21.81 -37.61 5.08
N SER A 470 21.64 -38.26 3.92
CA SER A 470 22.54 -38.05 2.80
C SER A 470 21.80 -38.18 1.48
N VAL A 471 22.32 -37.50 0.45
CA VAL A 471 21.72 -37.46 -0.88
C VAL A 471 22.84 -37.41 -1.92
N HIS A 472 22.55 -37.96 -3.11
CA HIS A 472 23.49 -37.94 -4.22
C HIS A 472 22.79 -37.53 -5.52
N GLY A 473 23.46 -36.69 -6.30
CA GLY A 473 22.88 -36.11 -7.51
C GLY A 473 22.11 -34.83 -7.28
N ARG A 474 21.63 -34.29 -8.41
CA ARG A 474 20.89 -33.03 -8.41
C ARG A 474 19.50 -33.20 -7.81
N ILE A 475 19.09 -32.22 -6.99
CA ILE A 475 17.79 -32.21 -6.32
C ILE A 475 16.84 -31.26 -7.02
N ALA A 476 15.60 -31.70 -7.21
CA ALA A 476 14.47 -30.82 -7.52
C ALA A 476 13.41 -30.97 -6.43
N TYR A 477 12.72 -29.86 -6.14
CA TYR A 477 11.62 -29.84 -5.18
C TYR A 477 10.44 -29.08 -5.73
N VAL A 478 9.23 -29.62 -5.54
CA VAL A 478 7.98 -28.97 -5.91
C VAL A 478 7.11 -28.80 -4.67
N SER A 479 6.80 -27.55 -4.34
CA SER A 479 5.94 -27.23 -3.21
C SER A 479 4.48 -27.55 -3.52
N GLN A 480 3.69 -27.78 -2.45
CA GLN A 480 2.27 -28.05 -2.62
C GLN A 480 1.52 -26.81 -3.10
N GLN A 481 1.77 -25.66 -2.46
CA GLN A 481 1.27 -24.39 -2.98
C GLN A 481 2.02 -24.03 -4.27
N PRO A 482 1.31 -23.76 -5.37
CA PRO A 482 2.01 -23.36 -6.60
C PRO A 482 2.68 -21.99 -6.46
N TRP A 483 3.76 -21.79 -7.21
CA TRP A 483 4.41 -20.49 -7.29
C TRP A 483 4.80 -20.18 -8.73
N VAL A 484 4.51 -18.94 -9.17
CA VAL A 484 4.81 -18.49 -10.52
C VAL A 484 5.16 -17.00 -10.46
N PHE A 485 6.06 -16.56 -11.34
CA PHE A 485 6.53 -15.19 -11.40
C PHE A 485 6.27 -14.59 -12.79
N SER A 486 6.69 -13.35 -12.98
CA SER A 486 6.46 -12.62 -14.22
C SER A 486 7.43 -13.05 -15.33
N GLY A 487 7.32 -12.37 -16.47
CA GLY A 487 7.88 -12.84 -17.72
C GLY A 487 6.87 -13.66 -18.48
N THR A 488 7.34 -14.31 -19.56
CA THR A 488 6.47 -15.21 -20.28
C THR A 488 6.31 -16.51 -19.50
N VAL A 489 5.16 -17.15 -19.66
CA VAL A 489 4.93 -18.44 -19.01
C VAL A 489 5.96 -19.47 -19.44
N ARG A 490 6.39 -19.44 -20.70
CA ARG A 490 7.51 -20.30 -21.09
C ARG A 490 8.78 -19.94 -20.32
N SER A 491 9.05 -18.65 -20.14
CA SER A 491 10.19 -18.25 -19.32
C SER A 491 10.05 -18.76 -17.89
N ASN A 492 8.83 -18.75 -17.34
CA ASN A 492 8.61 -19.30 -16.01
C ASN A 492 8.85 -20.81 -15.97
N ILE A 493 8.69 -21.50 -17.10
CA ILE A 493 9.04 -22.92 -17.15
C ILE A 493 10.54 -23.12 -17.37
N LEU A 494 11.16 -22.30 -18.22
CA LEU A 494 12.58 -22.47 -18.48
C LEU A 494 13.43 -22.07 -17.28
N PHE A 495 13.00 -21.07 -16.51
CA PHE A 495 13.71 -20.66 -15.30
C PHE A 495 15.18 -20.36 -15.59
N GLY A 496 15.44 -19.74 -16.75
CA GLY A 496 16.78 -19.43 -17.20
C GLY A 496 17.54 -20.51 -17.93
N LYS A 497 17.00 -21.71 -18.06
CA LYS A 497 17.59 -22.71 -18.94
C LYS A 497 17.40 -22.34 -20.41
N LYS A 498 18.24 -22.92 -21.26
CA LYS A 498 18.07 -22.80 -22.70
C LYS A 498 16.81 -23.50 -23.17
N TYR A 499 16.14 -22.92 -24.16
CA TYR A 499 14.99 -23.55 -24.80
C TYR A 499 15.42 -24.71 -25.71
N GLU A 500 14.63 -25.78 -25.70
CA GLU A 500 14.80 -26.88 -26.65
C GLU A 500 13.45 -27.56 -26.86
N LYS A 501 12.96 -27.51 -28.10
CA LYS A 501 11.66 -28.09 -28.43
C LYS A 501 11.55 -29.56 -28.05
N GLU A 502 12.61 -30.34 -28.30
CA GLU A 502 12.52 -31.79 -28.14
C GLU A 502 12.25 -32.21 -26.70
N ARG A 503 12.95 -31.60 -25.73
CA ARG A 503 12.61 -31.83 -24.32
C ARG A 503 11.34 -31.10 -23.93
N TYR A 504 11.15 -29.87 -24.42
CA TYR A 504 10.01 -29.06 -24.02
C TYR A 504 8.68 -29.76 -24.31
N GLU A 505 8.50 -30.26 -25.53
CA GLU A 505 7.24 -30.94 -25.87
C GLU A 505 7.00 -32.17 -25.00
N LYS A 506 8.05 -32.92 -24.69
CA LYS A 506 7.90 -34.06 -23.79
C LYS A 506 7.49 -33.60 -22.40
N VAL A 507 8.13 -32.54 -21.89
CA VAL A 507 7.74 -31.97 -20.60
C VAL A 507 6.29 -31.51 -20.62
N ILE A 508 5.91 -30.73 -21.63
CA ILE A 508 4.58 -30.12 -21.65
C ILE A 508 3.48 -31.17 -21.72
N LYS A 509 3.67 -32.21 -22.53
CA LYS A 509 2.65 -33.27 -22.58
C LYS A 509 2.65 -34.11 -21.31
N ALA A 510 3.83 -34.41 -20.75
CA ALA A 510 3.87 -35.15 -19.49
C ALA A 510 3.26 -34.35 -18.35
N CYS A 511 3.37 -33.03 -18.36
CA CYS A 511 2.75 -32.16 -17.37
C CYS A 511 1.30 -31.81 -17.69
N ALA A 512 0.67 -32.47 -18.66
CA ALA A 512 -0.74 -32.26 -18.99
C ALA A 512 -1.07 -30.80 -19.32
N LEU A 513 -0.09 -30.04 -19.81
CA LEU A 513 -0.16 -28.58 -19.83
C LEU A 513 -0.42 -28.01 -21.22
N LYS A 514 -0.35 -28.83 -22.27
CA LYS A 514 -0.40 -28.35 -23.65
C LYS A 514 -1.64 -27.53 -23.94
N LYS A 515 -2.81 -28.01 -23.53
CA LYS A 515 -4.08 -27.36 -23.89
C LYS A 515 -4.12 -25.89 -23.46
N ASP A 516 -3.73 -25.58 -22.23
CA ASP A 516 -3.76 -24.19 -21.79
C ASP A 516 -2.72 -23.33 -22.51
N LEU A 517 -1.53 -23.88 -22.79
CA LEU A 517 -0.55 -23.15 -23.57
C LEU A 517 -0.97 -22.92 -25.02
N GLN A 518 -2.00 -23.63 -25.50
CA GLN A 518 -2.63 -23.28 -26.77
C GLN A 518 -3.72 -22.23 -26.62
N LEU A 519 -4.54 -22.34 -25.57
CA LEU A 519 -5.70 -21.47 -25.41
C LEU A 519 -5.35 -20.08 -24.86
N LEU A 520 -4.20 -19.93 -24.22
CA LEU A 520 -3.71 -18.62 -23.82
C LEU A 520 -3.62 -17.68 -25.03
N GLU A 521 -3.92 -16.39 -24.78
CA GLU A 521 -4.17 -15.44 -25.86
C GLU A 521 -2.95 -15.20 -26.75
N ASP A 522 -1.76 -15.51 -26.26
CA ASP A 522 -0.53 -15.52 -27.06
C ASP A 522 0.25 -16.80 -26.79
N GLY A 523 -0.47 -17.88 -26.54
CA GLY A 523 0.10 -19.17 -26.17
C GLY A 523 1.05 -19.10 -25.00
N ASP A 524 2.11 -19.92 -25.06
CA ASP A 524 3.15 -19.94 -24.04
C ASP A 524 4.02 -18.69 -24.04
N LEU A 525 3.86 -17.77 -24.98
CA LEU A 525 4.53 -16.48 -24.95
C LEU A 525 3.67 -15.36 -24.35
N THR A 526 2.52 -15.68 -23.78
CA THR A 526 1.81 -14.75 -22.92
C THR A 526 2.69 -14.28 -21.76
N MET A 527 2.69 -12.97 -21.53
CA MET A 527 3.33 -12.39 -20.34
C MET A 527 2.46 -12.60 -19.10
N ILE A 528 3.13 -12.80 -17.95
CA ILE A 528 2.51 -13.26 -16.73
C ILE A 528 2.76 -12.26 -15.60
N GLY A 529 1.78 -12.16 -14.69
CA GLY A 529 1.92 -11.31 -13.52
C GLY A 529 2.94 -11.84 -12.52
N ASP A 530 3.47 -10.92 -11.70
CA ASP A 530 4.58 -11.24 -10.81
C ASP A 530 4.25 -12.33 -9.79
N ARG A 531 2.98 -12.57 -9.49
CA ARG A 531 2.60 -13.70 -8.63
C ARG A 531 1.71 -14.71 -9.36
N GLY A 532 1.72 -14.69 -10.69
CA GLY A 532 0.91 -15.62 -11.47
C GLY A 532 -0.58 -15.36 -11.46
N THR A 533 -1.01 -14.18 -11.04
CA THR A 533 -2.44 -13.91 -10.94
C THR A 533 -3.15 -13.99 -12.28
N THR A 534 -2.42 -13.94 -13.40
CA THR A 534 -3.01 -14.09 -14.72
C THR A 534 -3.30 -15.54 -15.10
N LEU A 535 -3.05 -16.51 -14.22
CA LEU A 535 -3.32 -17.91 -14.49
C LEU A 535 -4.30 -18.46 -13.48
N SER A 536 -5.06 -19.47 -13.89
CA SER A 536 -5.90 -20.22 -12.97
C SER A 536 -5.05 -21.12 -12.07
N GLY A 537 -5.68 -21.58 -10.98
CA GLY A 537 -5.00 -22.47 -10.05
C GLY A 537 -4.46 -23.72 -10.71
N GLY A 538 -5.27 -24.36 -11.55
CA GLY A 538 -4.81 -25.55 -12.27
C GLY A 538 -3.73 -25.26 -13.30
N GLN A 539 -3.77 -24.09 -13.93
CA GLN A 539 -2.71 -23.70 -14.84
C GLN A 539 -1.40 -23.46 -14.10
N LYS A 540 -1.41 -22.56 -13.11
CA LYS A 540 -0.19 -22.22 -12.38
C LYS A 540 0.40 -23.42 -11.66
N ALA A 541 -0.44 -24.34 -11.19
CA ALA A 541 0.07 -25.60 -10.63
C ALA A 541 0.89 -26.39 -11.65
N ARG A 542 0.30 -26.64 -12.82
CA ARG A 542 1.02 -27.39 -13.85
C ARG A 542 2.24 -26.63 -14.38
N VAL A 543 2.15 -25.31 -14.47
CA VAL A 543 3.32 -24.51 -14.84
C VAL A 543 4.44 -24.70 -13.81
N ASN A 544 4.08 -24.62 -12.53
CA ASN A 544 5.06 -24.80 -11.47
C ASN A 544 5.70 -26.19 -11.52
N LEU A 545 4.91 -27.23 -11.76
CA LEU A 545 5.46 -28.57 -11.91
C LEU A 545 6.33 -28.69 -13.17
N ALA A 546 5.85 -28.17 -14.30
CA ALA A 546 6.61 -28.26 -15.54
C ALA A 546 8.01 -27.64 -15.40
N ARG A 547 8.13 -26.56 -14.63
CA ARG A 547 9.44 -25.99 -14.37
C ARG A 547 10.39 -27.03 -13.78
N ALA A 548 9.96 -27.71 -12.71
CA ALA A 548 10.82 -28.69 -12.07
C ALA A 548 11.12 -29.88 -12.98
N VAL A 549 10.10 -30.35 -13.71
CA VAL A 549 10.29 -31.47 -14.63
C VAL A 549 11.26 -31.12 -15.76
N TYR A 550 11.28 -29.87 -16.19
CA TYR A 550 12.24 -29.46 -17.21
C TYR A 550 13.68 -29.62 -16.73
N GLN A 551 13.93 -29.54 -15.43
CA GLN A 551 15.30 -29.58 -14.93
C GLN A 551 15.97 -30.95 -15.09
N ASP A 552 15.20 -32.01 -15.34
CA ASP A 552 15.77 -33.33 -15.55
C ASP A 552 16.67 -33.76 -14.37
N ALA A 553 16.23 -33.44 -13.15
CA ALA A 553 17.04 -33.66 -11.97
C ALA A 553 17.17 -35.16 -11.66
N ASP A 554 18.06 -35.48 -10.71
CA ASP A 554 18.30 -36.86 -10.31
C ASP A 554 17.40 -37.31 -9.17
N ILE A 555 17.13 -36.43 -8.21
CA ILE A 555 16.18 -36.69 -7.12
C ILE A 555 15.04 -35.69 -7.28
N TYR A 556 13.81 -36.20 -7.37
CA TYR A 556 12.61 -35.37 -7.34
C TYR A 556 11.89 -35.49 -6.01
N LEU A 557 11.69 -34.36 -5.34
CA LEU A 557 10.92 -34.25 -4.11
C LEU A 557 9.60 -33.57 -4.45
N LEU A 558 8.49 -34.30 -4.29
CA LEU A 558 7.18 -33.89 -4.80
C LEU A 558 6.19 -33.77 -3.65
N ASP A 559 5.88 -32.52 -3.27
CA ASP A 559 5.07 -32.20 -2.09
C ASP A 559 3.57 -32.25 -2.41
N ASP A 560 3.12 -33.40 -2.90
CA ASP A 560 1.76 -33.59 -3.38
C ASP A 560 1.25 -32.52 -4.36
N PRO A 561 2.00 -32.23 -5.42
CA PRO A 561 1.45 -31.36 -6.47
C PRO A 561 0.19 -31.94 -7.11
N LEU A 562 0.01 -33.26 -7.05
CA LEU A 562 -1.20 -33.92 -7.55
C LEU A 562 -2.46 -33.43 -6.85
N SER A 563 -2.36 -33.02 -5.58
CA SER A 563 -3.51 -32.48 -4.88
C SER A 563 -3.99 -31.15 -5.45
N ALA A 564 -3.19 -30.46 -6.26
CA ALA A 564 -3.57 -29.18 -6.82
C ALA A 564 -4.45 -29.28 -8.07
N VAL A 565 -4.72 -30.50 -8.57
CA VAL A 565 -5.39 -30.67 -9.86
C VAL A 565 -6.47 -31.74 -9.75
N ASP A 566 -7.37 -31.73 -10.74
CA ASP A 566 -8.46 -32.70 -10.82
C ASP A 566 -7.93 -34.11 -11.00
N ALA A 567 -8.77 -35.08 -10.62
CA ALA A 567 -8.35 -36.49 -10.55
C ALA A 567 -7.84 -37.01 -11.90
N GLU A 568 -8.48 -36.63 -13.00
CA GLU A 568 -7.98 -37.03 -14.32
C GLU A 568 -6.60 -36.47 -14.57
N VAL A 569 -6.41 -35.18 -14.31
CA VAL A 569 -5.10 -34.56 -14.47
C VAL A 569 -4.11 -35.19 -13.50
N SER A 570 -4.54 -35.44 -12.26
CA SER A 570 -3.68 -36.07 -11.27
C SER A 570 -3.14 -37.43 -11.74
N ARG A 571 -4.01 -38.32 -12.24
CA ARG A 571 -3.50 -39.59 -12.74
C ARG A 571 -2.70 -39.42 -14.02
N HIS A 572 -3.06 -38.45 -14.87
CA HIS A 572 -2.29 -38.20 -16.08
C HIS A 572 -0.88 -37.75 -15.74
N LEU A 573 -0.74 -36.83 -14.78
CA LEU A 573 0.56 -36.46 -14.26
C LEU A 573 1.31 -37.65 -13.66
N PHE A 574 0.62 -38.43 -12.81
CA PHE A 574 1.27 -39.57 -12.17
C PHE A 574 1.76 -40.60 -13.18
N GLU A 575 0.94 -40.90 -14.19
CA GLU A 575 1.35 -41.88 -15.20
C GLU A 575 2.46 -41.35 -16.10
N LEU A 576 2.19 -40.28 -16.84
CA LEU A 576 3.14 -39.87 -17.88
C LEU A 576 4.38 -39.20 -17.31
N CYS A 577 4.25 -38.40 -16.26
CA CYS A 577 5.44 -37.77 -15.65
C CYS A 577 6.10 -38.68 -14.62
N ILE A 578 5.43 -38.90 -13.49
CA ILE A 578 6.12 -39.47 -12.33
C ILE A 578 6.51 -40.92 -12.59
N CYS A 579 5.61 -41.69 -13.20
CA CYS A 579 5.92 -43.09 -13.50
C CYS A 579 6.78 -43.23 -14.75
N GLN A 580 6.35 -42.64 -15.87
CA GLN A 580 7.01 -42.89 -17.15
C GLN A 580 8.22 -42.00 -17.37
N ALA A 581 8.01 -40.68 -17.49
CA ALA A 581 9.11 -39.80 -17.90
C ALA A 581 10.24 -39.77 -16.88
N LEU A 582 9.90 -39.79 -15.59
CA LEU A 582 10.89 -39.77 -14.52
C LEU A 582 11.30 -41.18 -14.07
N HIS A 583 11.02 -42.19 -14.89
CA HIS A 583 11.19 -43.59 -14.47
C HIS A 583 12.60 -43.89 -13.96
N GLU A 584 13.62 -43.27 -14.55
CA GLU A 584 15.00 -43.55 -14.17
C GLU A 584 15.40 -43.00 -12.80
N LYS A 585 14.55 -42.20 -12.17
CA LYS A 585 14.98 -41.25 -11.15
C LYS A 585 14.41 -41.62 -9.79
N ILE A 586 15.09 -41.16 -8.73
CA ILE A 586 14.53 -41.23 -7.38
C ILE A 586 13.38 -40.24 -7.28
N ARG A 587 12.20 -40.75 -6.94
CA ARG A 587 11.05 -39.92 -6.63
C ARG A 587 10.60 -40.17 -5.19
N ILE A 588 10.56 -39.12 -4.38
CA ILE A 588 9.94 -39.17 -3.06
C ILE A 588 8.65 -38.37 -3.10
N LEU A 589 7.53 -39.06 -3.37
CA LEU A 589 6.23 -38.43 -3.57
C LEU A 589 5.40 -38.48 -2.30
N VAL A 590 5.23 -37.33 -1.65
CA VAL A 590 4.10 -37.14 -0.73
C VAL A 590 2.84 -37.04 -1.58
N THR A 591 1.84 -37.90 -1.30
CA THR A 591 0.53 -37.66 -1.87
C THR A 591 -0.56 -38.33 -1.04
N HIS A 592 -1.73 -37.69 -1.01
CA HIS A 592 -2.98 -38.29 -0.58
C HIS A 592 -3.64 -39.16 -1.65
N GLN A 593 -3.06 -39.27 -2.85
CA GLN A 593 -3.55 -40.18 -3.88
C GLN A 593 -3.18 -41.65 -3.59
N LEU A 594 -3.63 -42.11 -2.43
CA LEU A 594 -3.33 -43.47 -1.99
C LEU A 594 -3.82 -44.52 -2.97
N GLN A 595 -4.81 -44.21 -3.79
CA GLN A 595 -5.26 -45.10 -4.86
C GLN A 595 -4.18 -45.44 -5.89
N TYR A 596 -3.11 -44.63 -5.99
CA TYR A 596 -2.05 -44.91 -6.95
C TYR A 596 -0.94 -45.82 -6.41
N LEU A 597 -0.97 -46.15 -5.12
CA LEU A 597 0.18 -46.75 -4.45
C LEU A 597 0.63 -48.08 -5.04
N LYS A 598 -0.24 -48.79 -5.76
CA LYS A 598 0.17 -50.05 -6.39
C LYS A 598 1.37 -49.89 -7.34
N ALA A 599 1.58 -48.69 -7.89
CA ALA A 599 2.71 -48.45 -8.77
C ALA A 599 4.00 -48.08 -8.04
N ALA A 600 3.95 -47.75 -6.75
CA ALA A 600 5.14 -47.32 -6.03
C ALA A 600 6.10 -48.48 -5.77
N SER A 601 7.41 -48.19 -5.89
CA SER A 601 8.42 -49.19 -5.57
C SER A 601 8.50 -49.46 -4.08
N GLN A 602 8.25 -48.45 -3.25
CA GLN A 602 8.22 -48.63 -1.80
C GLN A 602 7.33 -47.53 -1.21
N ILE A 603 6.85 -47.77 0.01
CA ILE A 603 5.90 -46.89 0.67
C ILE A 603 6.34 -46.66 2.11
N LEU A 604 6.36 -45.40 2.52
CA LEU A 604 6.68 -44.98 3.89
C LEU A 604 5.46 -44.33 4.52
N ILE A 605 5.04 -44.84 5.69
CA ILE A 605 3.87 -44.35 6.39
C ILE A 605 4.30 -43.67 7.69
N LEU A 606 3.93 -42.40 7.84
CA LEU A 606 4.23 -41.60 9.02
C LEU A 606 3.00 -41.42 9.89
N LYS A 607 3.17 -41.50 11.21
CA LYS A 607 2.14 -41.10 12.15
C LYS A 607 2.80 -40.62 13.44
N ASP A 608 2.10 -39.73 14.15
CA ASP A 608 2.59 -39.12 15.39
C ASP A 608 3.97 -38.50 15.21
N GLY A 609 4.20 -37.90 14.03
CA GLY A 609 5.47 -37.28 13.72
C GLY A 609 6.63 -38.24 13.50
N GLN A 610 6.36 -39.53 13.34
CA GLN A 610 7.43 -40.52 13.18
C GLN A 610 6.98 -41.57 12.18
N MET A 611 7.94 -42.37 11.71
CA MET A 611 7.62 -43.56 10.93
C MET A 611 6.88 -44.57 11.80
N VAL A 612 5.80 -45.14 11.27
CA VAL A 612 5.04 -46.15 12.01
C VAL A 612 4.85 -47.42 11.17
N GLN A 613 4.83 -47.30 9.85
CA GLN A 613 4.85 -48.48 8.98
C GLN A 613 5.70 -48.21 7.75
N LYS A 614 6.14 -49.31 7.12
CA LYS A 614 7.00 -49.28 5.95
C LYS A 614 6.62 -50.42 5.01
N GLY A 615 6.71 -50.17 3.72
CA GLY A 615 6.47 -51.19 2.71
C GLY A 615 6.97 -50.79 1.33
N GLU A 693 -7.96 9.91 -15.87
CA GLU A 693 -6.58 10.05 -15.43
C GLU A 693 -5.82 10.99 -16.36
N GLY A 694 -4.64 11.41 -15.95
CA GLY A 694 -3.82 12.30 -16.76
C GLY A 694 -4.21 13.77 -16.74
N LYS A 695 -5.51 14.07 -16.68
CA LYS A 695 -5.97 15.44 -16.54
C LYS A 695 -7.28 15.44 -15.76
N VAL A 696 -7.49 16.49 -14.96
CA VAL A 696 -8.66 16.61 -14.10
C VAL A 696 -9.23 18.02 -14.22
N GLY A 697 -10.56 18.12 -14.26
CA GLY A 697 -11.24 19.38 -14.43
C GLY A 697 -11.74 20.04 -13.14
N PHE A 698 -12.19 21.28 -13.30
CA PHE A 698 -12.63 22.11 -12.18
C PHE A 698 -13.69 21.44 -11.32
N LYS A 699 -14.53 20.60 -11.90
CA LYS A 699 -15.54 19.89 -11.13
C LYS A 699 -14.93 19.13 -9.95
N ALA A 700 -13.78 18.47 -10.16
CA ALA A 700 -13.13 17.76 -9.07
C ALA A 700 -12.66 18.71 -7.96
N TYR A 701 -12.18 19.89 -8.30
CA TYR A 701 -11.80 20.86 -7.27
C TYR A 701 -12.98 21.33 -6.46
N LYS A 702 -14.09 21.69 -7.12
CA LYS A 702 -15.27 22.14 -6.38
C LYS A 702 -15.77 21.06 -5.42
N ASN A 703 -15.87 19.82 -5.91
CA ASN A 703 -16.32 18.71 -5.08
C ASN A 703 -15.39 18.43 -3.90
N TYR A 704 -14.08 18.40 -4.14
CA TYR A 704 -13.12 18.13 -3.06
C TYR A 704 -13.24 19.12 -1.90
N PHE A 705 -13.26 20.42 -2.20
CA PHE A 705 -13.48 21.43 -1.16
C PHE A 705 -14.86 21.36 -0.53
N THR A 706 -15.91 21.32 -1.35
CA THR A 706 -17.27 21.35 -0.80
C THR A 706 -17.61 20.09 -0.02
N ALA A 707 -16.96 18.97 -0.29
CA ALA A 707 -17.19 17.77 0.51
C ALA A 707 -16.74 17.92 1.95
N GLY A 708 -15.83 18.85 2.23
CA GLY A 708 -15.30 19.02 3.56
C GLY A 708 -16.11 19.94 4.44
N ALA A 709 -16.65 21.01 3.87
CA ALA A 709 -17.37 21.99 4.67
C ALA A 709 -18.43 22.68 3.84
N HIS A 710 -19.41 23.25 4.54
CA HIS A 710 -20.39 24.12 3.91
C HIS A 710 -19.69 25.28 3.20
N TRP A 711 -20.26 25.73 2.09
CA TRP A 711 -19.62 26.75 1.27
C TRP A 711 -19.31 28.01 2.04
N PHE A 712 -20.05 28.30 3.11
CA PHE A 712 -19.76 29.49 3.91
C PHE A 712 -18.37 29.42 4.53
N ILE A 713 -17.96 28.25 4.99
CA ILE A 713 -16.60 28.08 5.51
C ILE A 713 -15.56 28.28 4.41
N ILE A 714 -15.86 27.86 3.18
CA ILE A 714 -14.87 27.99 2.11
C ILE A 714 -14.67 29.44 1.70
N ILE A 715 -15.72 30.25 1.68
CA ILE A 715 -15.52 31.68 1.46
C ILE A 715 -14.68 32.27 2.58
N PHE A 716 -14.96 31.91 3.82
CA PHE A 716 -14.13 32.36 4.93
C PHE A 716 -12.69 31.87 4.82
N LEU A 717 -12.50 30.64 4.34
CA LEU A 717 -11.16 30.13 4.05
C LEU A 717 -10.41 30.99 3.01
N ILE A 718 -11.08 31.37 1.94
CA ILE A 718 -10.48 32.29 0.97
C ILE A 718 -10.15 33.63 1.63
N LEU A 719 -11.10 34.21 2.35
CA LEU A 719 -10.88 35.52 2.94
C LEU A 719 -9.70 35.57 3.90
N VAL A 720 -9.58 34.61 4.83
CA VAL A 720 -8.42 34.59 5.72
C VAL A 720 -7.10 34.47 4.97
N ASN A 721 -7.08 33.71 3.87
CA ASN A 721 -5.89 33.68 3.00
C ASN A 721 -5.52 35.03 2.41
N LEU A 722 -6.47 35.72 1.78
CA LEU A 722 -6.21 37.08 1.31
C LEU A 722 -5.73 37.98 2.44
N ALA A 723 -6.43 37.97 3.57
CA ALA A 723 -6.08 38.84 4.69
C ALA A 723 -4.70 38.56 5.24
N ALA A 724 -4.30 37.29 5.36
CA ALA A 724 -2.93 36.96 5.73
C ALA A 724 -1.89 37.68 4.88
N GLN A 725 -1.96 37.52 3.56
CA GLN A 725 -1.01 38.17 2.65
C GLN A 725 -1.13 39.69 2.65
N VAL A 726 -2.33 40.24 2.59
CA VAL A 726 -2.49 41.69 2.66
C VAL A 726 -1.80 42.27 3.90
N SER A 727 -2.10 41.74 5.08
CA SER A 727 -1.38 42.18 6.28
C SER A 727 0.13 41.99 6.16
N TYR A 728 0.57 40.87 5.57
CA TYR A 728 1.99 40.64 5.39
C TYR A 728 2.65 41.71 4.51
N ILE A 729 2.08 41.97 3.34
CA ILE A 729 2.55 43.06 2.49
C ILE A 729 2.51 44.39 3.21
N LEU A 730 1.36 44.72 3.83
CA LEU A 730 1.19 46.01 4.49
C LEU A 730 2.17 46.26 5.63
N GLN A 731 2.55 45.23 6.38
CA GLN A 731 3.59 45.43 7.38
C GLN A 731 4.88 45.98 6.76
N ASP A 732 5.37 45.35 5.69
CA ASP A 732 6.56 45.85 4.99
C ASP A 732 6.32 47.19 4.33
N TRP A 733 5.18 47.37 3.67
CA TRP A 733 4.82 48.70 3.19
C TRP A 733 4.82 49.75 4.30
N TRP A 734 4.29 49.42 5.47
CA TRP A 734 4.29 50.38 6.58
C TRP A 734 5.69 50.83 6.99
N LEU A 735 6.65 49.92 7.11
CA LEU A 735 8.04 50.32 7.29
C LEU A 735 8.53 51.28 6.20
N SER A 736 8.24 50.97 4.95
CA SER A 736 8.54 51.87 3.84
C SER A 736 7.85 53.23 3.99
N TYR A 737 6.57 53.22 4.37
CA TYR A 737 5.85 54.47 4.58
C TYR A 737 6.43 55.25 5.75
N TRP A 738 6.79 54.56 6.82
CA TRP A 738 7.42 55.20 7.97
C TRP A 738 8.80 55.77 7.62
N ALA A 739 9.60 55.01 6.87
CA ALA A 739 10.89 55.52 6.39
C ALA A 739 10.73 56.78 5.54
N ASN A 740 9.82 56.76 4.58
CA ASN A 740 9.53 57.95 3.78
C ASN A 740 9.10 59.13 4.64
N GLN A 741 8.24 58.90 5.62
CA GLN A 741 7.75 59.99 6.45
C GLN A 741 8.83 60.55 7.37
N GLN A 742 9.67 59.70 7.95
CA GLN A 742 10.81 60.20 8.72
C GLN A 742 11.70 61.09 7.85
N SER A 743 11.94 60.68 6.62
CA SER A 743 12.73 61.46 5.66
C SER A 743 12.18 62.85 5.40
N ALA A 744 10.89 63.07 5.60
CA ALA A 744 10.28 64.35 5.28
C ALA A 744 10.50 65.41 6.36
N LEU A 745 10.89 65.01 7.57
CA LEU A 745 11.03 65.95 8.67
C LEU A 745 12.33 66.73 8.55
N THR A 756 13.56 71.08 15.96
CA THR A 756 13.42 69.74 15.42
C THR A 756 12.03 69.18 15.72
N GLU A 757 11.64 68.13 15.01
CA GLU A 757 10.37 67.45 15.25
C GLU A 757 10.53 65.97 14.95
N LYS A 758 9.62 65.17 15.52
CA LYS A 758 9.76 63.71 15.50
C LYS A 758 8.38 63.06 15.46
N LEU A 759 8.34 61.84 14.92
CA LEU A 759 7.08 61.14 14.72
C LEU A 759 6.48 60.64 16.04
N ASP A 760 5.15 60.63 16.09
CA ASP A 760 4.39 60.12 17.22
C ASP A 760 4.44 58.58 17.23
N LEU A 761 5.28 58.02 18.10
CA LEU A 761 5.47 56.57 18.13
C LEU A 761 4.18 55.81 18.46
N ASN A 762 3.29 56.40 19.28
CA ASN A 762 2.04 55.72 19.58
C ASN A 762 1.24 55.43 18.33
N TRP A 763 1.32 56.30 17.33
CA TRP A 763 0.64 56.10 16.06
C TRP A 763 1.36 55.06 15.21
N TYR A 764 2.62 55.31 14.88
CA TYR A 764 3.35 54.45 13.96
C TYR A 764 3.64 53.08 14.56
N LEU A 765 4.07 53.04 15.83
CA LEU A 765 4.33 51.76 16.48
C LEU A 765 3.04 51.03 16.83
N GLY A 766 1.96 51.76 17.07
CA GLY A 766 0.65 51.15 17.23
C GLY A 766 0.13 50.43 16.01
N ILE A 767 0.03 51.12 14.88
CA ILE A 767 -0.43 50.48 13.64
C ILE A 767 0.50 49.35 13.23
N TYR A 768 1.80 49.54 13.41
CA TYR A 768 2.78 48.48 13.20
C TYR A 768 2.44 47.23 13.98
N SER A 769 2.13 47.39 15.27
CA SER A 769 1.74 46.28 16.13
C SER A 769 0.46 45.59 15.69
N GLY A 770 -0.52 46.33 15.19
CA GLY A 770 -1.72 45.69 14.67
C GLY A 770 -1.51 44.93 13.39
N LEU A 771 -0.75 45.49 12.44
CA LEU A 771 -0.41 44.77 11.22
C LEU A 771 0.31 43.46 11.51
N THR A 772 1.26 43.47 12.44
CA THR A 772 1.94 42.25 12.84
C THR A 772 0.99 41.24 13.48
N ALA A 773 0.22 41.66 14.48
CA ALA A 773 -0.69 40.74 15.15
C ALA A 773 -1.71 40.12 14.18
N SER A 774 -2.32 40.93 13.33
CA SER A 774 -3.20 40.39 12.29
C SER A 774 -2.48 39.39 11.37
N THR A 775 -1.27 39.72 10.94
CA THR A 775 -0.47 38.75 10.18
C THR A 775 -0.34 37.43 10.92
N VAL A 776 0.09 37.48 12.18
CA VAL A 776 0.24 36.29 13.01
C VAL A 776 -1.08 35.53 13.12
N LEU A 777 -2.14 36.22 13.56
CA LEU A 777 -3.43 35.57 13.74
C LEU A 777 -3.93 34.88 12.47
N PHE A 778 -4.07 35.61 11.37
CA PHE A 778 -4.49 34.99 10.11
C PHE A 778 -3.53 33.93 9.61
N GLY A 779 -2.22 34.15 9.73
CA GLY A 779 -1.27 33.12 9.37
C GLY A 779 -1.48 31.80 10.09
N ILE A 780 -1.71 31.85 11.41
CA ILE A 780 -2.09 30.64 12.16
C ILE A 780 -3.44 30.08 11.70
N VAL A 781 -4.51 30.86 11.82
CA VAL A 781 -5.85 30.41 11.45
C VAL A 781 -5.87 29.85 10.03
N ARG A 782 -5.34 30.60 9.07
CA ARG A 782 -5.22 30.12 7.70
C ARG A 782 -4.60 28.73 7.63
N SER A 783 -3.47 28.55 8.29
CA SER A 783 -2.77 27.26 8.31
C SER A 783 -3.65 26.13 8.85
N LEU A 784 -4.19 26.31 10.06
CA LEU A 784 -5.06 25.31 10.68
C LEU A 784 -6.32 25.02 9.88
N LEU A 785 -7.00 26.05 9.40
CA LEU A 785 -8.27 25.85 8.69
C LEU A 785 -8.14 25.10 7.36
N VAL A 786 -7.06 25.31 6.61
CA VAL A 786 -6.79 24.44 5.46
C VAL A 786 -6.82 22.96 5.84
N PHE A 787 -6.11 22.59 6.89
CA PHE A 787 -6.12 21.21 7.38
C PHE A 787 -7.50 20.75 7.83
N PHE A 788 -8.18 21.55 8.64
CA PHE A 788 -9.55 21.19 9.03
C PHE A 788 -10.43 20.84 7.84
N VAL A 789 -10.50 21.72 6.83
CA VAL A 789 -11.37 21.43 5.69
C VAL A 789 -10.89 20.22 4.90
N LEU A 790 -9.62 20.17 4.53
CA LEU A 790 -9.15 19.09 3.67
C LEU A 790 -9.08 17.73 4.37
N VAL A 791 -8.80 17.69 5.67
CA VAL A 791 -8.95 16.45 6.43
C VAL A 791 -10.42 16.07 6.59
N SER A 792 -11.28 17.02 6.90
CA SER A 792 -12.72 16.73 6.93
C SER A 792 -13.24 16.25 5.58
N SER A 793 -12.67 16.73 4.49
CA SER A 793 -13.02 16.23 3.17
C SER A 793 -12.61 14.77 2.99
N SER A 794 -11.40 14.41 3.41
CA SER A 794 -10.97 13.03 3.38
C SER A 794 -11.84 12.13 4.25
N GLN A 795 -12.22 12.61 5.43
CA GLN A 795 -13.14 11.87 6.28
C GLN A 795 -14.49 11.63 5.60
N THR A 796 -15.07 12.66 4.99
CA THR A 796 -16.34 12.52 4.33
C THR A 796 -16.25 11.63 3.09
N LEU A 797 -15.24 11.83 2.26
CA LEU A 797 -15.10 11.01 1.06
C LEU A 797 -14.77 9.56 1.38
N HIS A 798 -14.03 9.28 2.45
CA HIS A 798 -13.86 7.89 2.87
C HIS A 798 -15.19 7.26 3.29
N ASN A 799 -15.95 7.94 4.14
CA ASN A 799 -17.24 7.40 4.56
C ASN A 799 -18.18 7.17 3.39
N GLN A 800 -18.29 8.14 2.48
CA GLN A 800 -19.11 7.94 1.29
C GLN A 800 -18.60 6.78 0.42
N MET A 801 -17.29 6.70 0.25
CA MET A 801 -16.71 5.63 -0.56
C MET A 801 -16.89 4.27 0.10
N PHE A 802 -16.66 4.19 1.40
CA PHE A 802 -16.82 2.93 2.12
C PHE A 802 -18.27 2.43 2.10
N GLU A 803 -19.23 3.32 2.34
CA GLU A 803 -20.65 2.95 2.24
C GLU A 803 -21.03 2.51 0.83
N SER A 804 -20.45 3.13 -0.19
CA SER A 804 -20.71 2.70 -1.57
C SER A 804 -20.16 1.32 -1.84
N ILE A 805 -18.93 1.05 -1.41
CA ILE A 805 -18.32 -0.26 -1.60
C ILE A 805 -19.07 -1.34 -0.83
N LEU A 806 -19.60 -1.01 0.35
CA LEU A 806 -20.44 -1.98 1.06
C LEU A 806 -21.72 -2.31 0.31
N ARG A 807 -22.45 -1.32 -0.17
CA ARG A 807 -23.68 -1.59 -0.91
C ARG A 807 -23.48 -1.87 -2.41
N ALA A 808 -22.26 -1.80 -2.93
CA ALA A 808 -22.05 -2.08 -4.34
C ALA A 808 -22.39 -3.53 -4.65
N PRO A 809 -23.01 -3.81 -5.79
CA PRO A 809 -23.32 -5.20 -6.16
C PRO A 809 -22.07 -5.98 -6.53
N VAL A 810 -22.17 -7.31 -6.37
CA VAL A 810 -21.01 -8.18 -6.56
C VAL A 810 -20.42 -8.02 -7.95
N LEU A 811 -21.25 -7.66 -8.94
CA LEU A 811 -20.72 -7.39 -10.28
C LEU A 811 -19.59 -6.38 -10.26
N PHE A 812 -19.62 -5.41 -9.36
CA PHE A 812 -18.54 -4.44 -9.26
C PHE A 812 -17.21 -5.10 -8.93
N PHE A 813 -17.21 -6.09 -8.04
CA PHE A 813 -15.97 -6.78 -7.68
C PHE A 813 -15.56 -7.84 -8.70
N ASP A 814 -16.51 -8.38 -9.47
CA ASP A 814 -16.16 -9.27 -10.57
C ASP A 814 -15.39 -8.54 -11.67
N ARG A 815 -15.67 -7.26 -11.88
CA ARG A 815 -14.98 -6.49 -12.89
C ARG A 815 -13.64 -5.93 -12.42
N ASN A 816 -13.60 -5.36 -11.22
CA ASN A 816 -12.37 -4.73 -10.72
C ASN A 816 -11.59 -5.71 -9.86
N PRO A 817 -10.32 -6.00 -10.17
CA PRO A 817 -9.53 -6.86 -9.28
C PRO A 817 -9.22 -6.19 -7.94
N ILE A 818 -9.02 -7.05 -6.94
CA ILE A 818 -8.94 -6.62 -5.54
C ILE A 818 -7.91 -5.52 -5.36
N GLY A 819 -6.73 -5.69 -5.95
CA GLY A 819 -5.68 -4.70 -5.78
C GLY A 819 -6.05 -3.33 -6.30
N ARG A 820 -6.81 -3.27 -7.38
CA ARG A 820 -7.22 -1.98 -7.93
C ARG A 820 -8.20 -1.25 -7.01
N ILE A 821 -9.06 -1.97 -6.29
CA ILE A 821 -9.92 -1.34 -5.29
C ILE A 821 -9.13 -0.93 -4.07
N LEU A 822 -8.33 -1.84 -3.53
CA LEU A 822 -7.58 -1.56 -2.31
C LEU A 822 -6.60 -0.40 -2.49
N ASN A 823 -6.07 -0.20 -3.69
CA ASN A 823 -5.24 0.97 -3.95
C ASN A 823 -5.95 2.29 -3.69
N ARG A 824 -7.26 2.39 -3.91
CA ARG A 824 -7.95 3.62 -3.55
C ARG A 824 -7.84 3.88 -2.07
N PHE A 825 -8.10 2.86 -1.25
CA PHE A 825 -8.08 3.03 0.19
C PHE A 825 -6.67 3.27 0.71
N SER A 826 -5.72 2.43 0.31
CA SER A 826 -4.35 2.58 0.80
C SER A 826 -3.61 3.75 0.19
N LYS A 827 -3.51 3.78 -1.14
CA LYS A 827 -2.72 4.81 -1.81
C LYS A 827 -3.44 6.15 -1.93
N ASP A 828 -4.66 6.17 -2.47
CA ASP A 828 -5.30 7.44 -2.77
C ASP A 828 -5.77 8.16 -1.53
N ILE A 829 -6.40 7.46 -0.58
CA ILE A 829 -6.74 8.11 0.68
C ILE A 829 -5.49 8.42 1.51
N GLY A 830 -4.45 7.60 1.39
CA GLY A 830 -3.17 7.97 1.99
C GLY A 830 -2.65 9.35 1.60
N HIS A 831 -2.64 9.66 0.30
CA HIS A 831 -2.34 11.02 -0.14
C HIS A 831 -3.29 12.07 0.45
N MET A 832 -4.59 11.82 0.38
CA MET A 832 -5.56 12.79 0.89
C MET A 832 -5.42 13.06 2.39
N ASP A 833 -5.03 12.06 3.17
CA ASP A 833 -4.79 12.25 4.59
C ASP A 833 -3.52 13.04 4.87
N ASP A 834 -2.44 12.72 4.17
CA ASP A 834 -1.10 13.17 4.52
C ASP A 834 -0.54 14.27 3.62
N LEU A 835 -0.01 13.87 2.46
CA LEU A 835 0.77 14.77 1.62
C LEU A 835 -0.07 15.88 0.97
N LEU A 836 -1.26 15.55 0.47
CA LEU A 836 -2.04 16.53 -0.30
C LEU A 836 -2.42 17.79 0.49
N PRO A 837 -2.97 17.70 1.70
CA PRO A 837 -3.24 18.94 2.45
C PRO A 837 -2.01 19.80 2.67
N LEU A 838 -0.87 19.19 2.96
CA LEU A 838 0.37 19.95 3.13
C LEU A 838 0.80 20.62 1.82
N THR A 839 0.69 19.92 0.70
CA THR A 839 1.07 20.49 -0.60
C THR A 839 0.14 21.62 -1.04
N TYR A 840 -1.14 21.54 -0.72
CA TYR A 840 -2.05 22.68 -0.91
C TYR A 840 -1.64 23.90 -0.09
N LEU A 841 -1.36 23.72 1.19
CA LEU A 841 -0.96 24.85 2.01
C LEU A 841 0.38 25.41 1.54
N ASP A 842 1.34 24.52 1.25
CA ASP A 842 2.60 24.95 0.67
C ASP A 842 2.44 25.74 -0.62
N PHE A 843 1.63 25.23 -1.56
CA PHE A 843 1.34 25.96 -2.80
C PHE A 843 0.64 27.29 -2.57
N ILE A 844 -0.48 27.28 -1.85
CA ILE A 844 -1.22 28.51 -1.59
C ILE A 844 -0.34 29.55 -0.92
N GLN A 845 0.43 29.15 0.09
CA GLN A 845 1.26 30.11 0.80
C GLN A 845 2.34 30.72 -0.09
N THR A 846 2.98 29.94 -0.97
CA THR A 846 3.95 30.54 -1.90
C THR A 846 3.30 31.29 -3.05
N PHE A 847 2.24 30.75 -3.65
CA PHE A 847 1.53 31.45 -4.74
C PHE A 847 1.14 32.87 -4.37
N LEU A 848 0.51 33.05 -3.22
CA LEU A 848 0.15 34.39 -2.78
C LEU A 848 1.36 35.31 -2.61
N GLN A 849 2.52 34.79 -2.22
CA GLN A 849 3.69 35.65 -2.11
C GLN A 849 4.26 36.04 -3.47
N VAL A 850 4.24 35.14 -4.46
CA VAL A 850 4.62 35.51 -5.81
C VAL A 850 3.75 36.65 -6.34
N ILE A 851 2.43 36.50 -6.22
CA ILE A 851 1.50 37.58 -6.54
C ILE A 851 1.79 38.84 -5.72
N GLY A 852 2.19 38.67 -4.46
CA GLY A 852 2.65 39.80 -3.67
C GLY A 852 3.88 40.52 -4.19
N VAL A 853 4.89 39.79 -4.65
CA VAL A 853 6.08 40.43 -5.23
C VAL A 853 5.74 41.19 -6.50
N VAL A 854 5.05 40.56 -7.44
CA VAL A 854 4.71 41.22 -8.68
C VAL A 854 3.76 42.40 -8.46
N GLY A 855 2.79 42.24 -7.56
CA GLY A 855 1.93 43.36 -7.17
C GLY A 855 2.65 44.56 -6.57
N VAL A 856 3.56 44.32 -5.63
CA VAL A 856 4.42 45.39 -5.10
C VAL A 856 5.22 46.07 -6.20
N ALA A 857 5.83 45.29 -7.10
CA ALA A 857 6.64 45.89 -8.16
C ALA A 857 5.81 46.76 -9.09
N VAL A 858 4.68 46.25 -9.58
CA VAL A 858 3.83 47.02 -10.47
C VAL A 858 3.17 48.22 -9.78
N ALA A 859 2.94 48.15 -8.47
CA ALA A 859 2.46 49.32 -7.72
C ALA A 859 3.52 50.43 -7.62
N VAL A 860 4.79 50.09 -7.47
CA VAL A 860 5.85 51.08 -7.39
C VAL A 860 6.29 51.55 -8.77
N ILE A 861 6.56 50.63 -9.70
CA ILE A 861 7.09 50.99 -11.01
C ILE A 861 6.14 50.46 -12.07
N PRO A 862 5.05 51.17 -12.37
CA PRO A 862 4.05 50.66 -13.32
C PRO A 862 4.59 50.29 -14.70
N TRP A 863 5.62 50.99 -15.21
CA TRP A 863 6.24 50.62 -16.48
C TRP A 863 6.70 49.17 -16.55
N ILE A 864 6.95 48.52 -15.41
CA ILE A 864 7.31 47.10 -15.45
C ILE A 864 6.26 46.29 -16.18
N ALA A 865 5.02 46.77 -16.22
CA ALA A 865 3.97 46.07 -16.97
C ALA A 865 4.32 45.81 -18.43
N ILE A 866 5.10 46.68 -19.05
CA ILE A 866 5.57 46.46 -20.43
C ILE A 866 6.55 45.30 -20.56
N PRO A 867 7.73 45.30 -19.96
CA PRO A 867 8.55 44.08 -20.00
C PRO A 867 7.84 42.84 -19.49
N LEU A 868 6.98 42.98 -18.49
CA LEU A 868 6.30 41.83 -17.91
C LEU A 868 5.36 41.12 -18.87
N VAL A 869 4.90 41.77 -19.93
CA VAL A 869 4.13 41.10 -20.99
C VAL A 869 4.95 40.08 -21.77
N PRO A 870 6.00 40.46 -22.51
CA PRO A 870 6.90 39.43 -23.06
C PRO A 870 7.40 38.43 -22.04
N LEU A 871 7.87 38.91 -20.90
CA LEU A 871 8.42 38.01 -19.89
C LEU A 871 7.37 37.04 -19.38
N GLY A 872 6.10 37.47 -19.29
CA GLY A 872 5.02 36.54 -19.04
C GLY A 872 4.74 35.56 -20.16
N ILE A 873 4.66 36.04 -21.41
CA ILE A 873 4.53 35.16 -22.57
C ILE A 873 5.59 34.06 -22.60
N VAL A 874 6.85 34.42 -22.38
CA VAL A 874 7.92 33.42 -22.30
C VAL A 874 7.61 32.37 -21.24
N PHE A 875 7.23 32.78 -20.04
CA PHE A 875 6.85 31.78 -19.03
C PHE A 875 5.71 30.86 -19.48
N PHE A 876 4.67 31.40 -20.09
CA PHE A 876 3.59 30.53 -20.58
C PHE A 876 4.07 29.52 -21.61
N VAL A 877 4.83 29.96 -22.62
CA VAL A 877 5.38 29.02 -23.60
C VAL A 877 6.27 27.97 -22.94
N LEU A 878 7.20 28.41 -22.08
CA LEU A 878 8.08 27.48 -21.37
C LEU A 878 7.30 26.46 -20.56
N ARG A 879 6.41 26.91 -19.69
CA ARG A 879 5.54 26.00 -18.95
C ARG A 879 4.77 25.05 -19.85
N ARG A 880 4.10 25.57 -20.88
CA ARG A 880 3.42 24.70 -21.83
C ARG A 880 4.32 23.58 -22.37
N TYR A 881 5.51 23.94 -22.87
CA TYR A 881 6.48 22.97 -23.37
C TYR A 881 6.91 21.95 -22.31
N PHE A 882 7.28 22.41 -21.12
CA PHE A 882 7.64 21.51 -20.03
C PHE A 882 6.51 20.54 -19.68
N LEU A 883 5.34 21.07 -19.34
CA LEU A 883 4.28 20.27 -18.71
C LEU A 883 4.03 18.93 -19.40
N GLU A 884 4.03 18.87 -20.72
CA GLU A 884 3.72 17.60 -21.36
C GLU A 884 4.79 16.55 -21.09
N THR A 885 6.07 16.91 -21.19
CA THR A 885 7.13 15.99 -20.78
C THR A 885 7.12 15.71 -19.27
N SER A 886 6.69 16.68 -18.47
CA SER A 886 6.58 16.48 -17.03
C SER A 886 5.68 15.31 -16.67
N ARG A 887 4.47 15.28 -17.23
CA ARG A 887 3.57 14.15 -16.99
C ARG A 887 4.04 12.87 -17.68
N ASP A 888 4.80 12.95 -18.77
CA ASP A 888 5.41 11.73 -19.30
C ASP A 888 6.36 11.07 -18.30
N VAL A 889 7.27 11.83 -17.68
CA VAL A 889 8.21 11.20 -16.75
C VAL A 889 7.53 10.76 -15.45
N LYS A 890 6.53 11.49 -14.97
CA LYS A 890 5.75 11.01 -13.83
C LYS A 890 4.98 9.74 -14.14
N ARG A 891 4.42 9.62 -15.34
CA ARG A 891 3.90 8.33 -15.78
C ARG A 891 4.99 7.27 -15.81
N LEU A 892 6.11 7.55 -16.46
CA LEU A 892 7.19 6.57 -16.57
C LEU A 892 7.72 6.18 -15.19
N GLU A 893 7.90 7.14 -14.31
CA GLU A 893 8.36 6.84 -12.95
C GLU A 893 7.42 5.88 -12.22
N SER A 894 6.12 6.12 -12.30
CA SER A 894 5.15 5.26 -11.62
C SER A 894 5.20 3.83 -12.15
N THR A 895 5.17 3.65 -13.48
CA THR A 895 5.13 2.29 -14.03
C THR A 895 6.44 1.52 -13.80
N THR A 896 7.58 2.21 -13.75
CA THR A 896 8.85 1.55 -13.47
C THR A 896 9.08 1.23 -12.00
N ARG A 897 8.40 1.92 -11.08
CA ARG A 897 8.56 1.62 -9.66
C ARG A 897 7.91 0.29 -9.27
N SER A 898 6.65 0.07 -9.68
CA SER A 898 5.91 -1.06 -9.17
C SER A 898 6.55 -2.43 -9.38
N PRO A 899 7.26 -2.70 -10.48
CA PRO A 899 7.89 -4.04 -10.60
C PRO A 899 8.91 -4.34 -9.51
N VAL A 900 9.52 -3.32 -8.91
CA VAL A 900 10.48 -3.56 -7.83
C VAL A 900 9.77 -4.21 -6.63
N PHE A 901 8.74 -3.55 -6.11
CA PHE A 901 8.01 -4.13 -4.98
C PHE A 901 7.41 -5.48 -5.34
N SER A 902 6.92 -5.60 -6.57
CA SER A 902 6.32 -6.85 -7.01
C SER A 902 7.34 -7.99 -7.13
N HIS A 903 8.61 -7.67 -7.35
CA HIS A 903 9.64 -8.70 -7.33
C HIS A 903 9.95 -9.18 -5.92
N LEU A 904 9.99 -8.28 -4.95
CA LEU A 904 10.22 -8.71 -3.57
C LEU A 904 9.11 -9.65 -3.09
N SER A 905 7.85 -9.27 -3.32
CA SER A 905 6.75 -10.14 -2.93
C SER A 905 6.74 -11.44 -3.74
N SER A 906 7.05 -11.36 -5.04
CA SER A 906 7.19 -12.57 -5.84
C SER A 906 8.25 -13.52 -5.28
N SER A 907 9.39 -12.97 -4.88
CA SER A 907 10.48 -13.78 -4.35
C SER A 907 10.14 -14.39 -2.98
N LEU A 908 9.59 -13.59 -2.08
CA LEU A 908 9.29 -14.07 -0.74
C LEU A 908 8.33 -15.26 -0.74
N GLN A 909 7.32 -15.24 -1.60
CA GLN A 909 6.43 -16.41 -1.65
C GLN A 909 7.15 -17.64 -2.18
N GLY A 910 8.04 -17.47 -3.16
CA GLY A 910 8.72 -18.56 -3.81
C GLY A 910 9.99 -19.06 -3.16
N LEU A 911 10.28 -18.62 -1.94
CA LEU A 911 11.64 -18.70 -1.43
C LEU A 911 12.10 -20.15 -1.27
N TRP A 912 11.21 -21.05 -0.88
CA TRP A 912 11.54 -22.47 -0.83
C TRP A 912 11.85 -23.07 -2.19
N THR A 913 11.48 -22.41 -3.29
CA THR A 913 11.89 -22.83 -4.63
C THR A 913 13.22 -22.24 -5.06
N ILE A 914 13.36 -20.91 -5.02
CA ILE A 914 14.56 -20.31 -5.59
C ILE A 914 15.79 -20.65 -4.74
N ARG A 915 15.62 -20.75 -3.43
CA ARG A 915 16.73 -21.17 -2.58
C ARG A 915 17.09 -22.63 -2.82
N ALA A 916 16.11 -23.47 -3.19
CA ALA A 916 16.40 -24.88 -3.44
C ALA A 916 17.30 -25.07 -4.64
N TYR A 917 16.99 -24.45 -5.77
CA TYR A 917 17.75 -24.66 -7.00
C TYR A 917 19.04 -23.84 -7.04
N LYS A 918 19.47 -23.28 -5.91
CA LYS A 918 20.66 -22.43 -5.83
C LYS A 918 20.53 -21.16 -6.67
N ALA A 919 19.32 -20.63 -6.81
CA ALA A 919 19.03 -19.56 -7.76
C ALA A 919 19.16 -18.15 -7.18
N GLU A 920 19.83 -18.00 -6.04
CA GLU A 920 19.90 -16.70 -5.39
C GLU A 920 20.58 -15.65 -6.27
N GLN A 921 21.66 -16.01 -6.96
CA GLN A 921 22.40 -15.03 -7.76
C GLN A 921 21.56 -14.45 -8.88
N ARG A 922 20.89 -15.29 -9.67
CA ARG A 922 20.06 -14.79 -10.75
C ARG A 922 18.95 -13.88 -10.24
N PHE A 923 18.25 -14.29 -9.18
CA PHE A 923 17.20 -13.46 -8.61
C PHE A 923 17.71 -12.17 -7.98
N GLN A 924 19.00 -12.05 -7.73
CA GLN A 924 19.54 -10.75 -7.32
C GLN A 924 19.67 -9.84 -8.52
N GLU A 925 20.20 -10.35 -9.63
CA GLU A 925 20.34 -9.57 -10.85
C GLU A 925 19.00 -9.14 -11.43
N LEU A 926 17.94 -9.94 -11.28
CA LEU A 926 16.61 -9.48 -11.66
C LEU A 926 16.20 -8.25 -10.87
N PHE A 927 16.44 -8.24 -9.56
CA PHE A 927 16.10 -7.07 -8.76
C PHE A 927 16.98 -5.90 -9.13
N ASP A 928 18.26 -6.16 -9.37
CA ASP A 928 19.16 -5.10 -9.80
C ASP A 928 18.71 -4.49 -11.13
N SER A 929 18.21 -5.32 -12.05
CA SER A 929 17.68 -4.78 -13.31
C SER A 929 16.49 -3.87 -13.09
N HIS A 930 15.48 -4.33 -12.33
CA HIS A 930 14.33 -3.47 -12.06
C HIS A 930 14.74 -2.23 -11.29
N GLN A 931 15.64 -2.39 -10.34
CA GLN A 931 16.14 -1.24 -9.60
C GLN A 931 16.85 -0.27 -10.54
N ASP A 932 17.63 -0.79 -11.48
CA ASP A 932 18.33 0.05 -12.44
C ASP A 932 17.38 0.78 -13.40
N LEU A 933 16.35 0.09 -13.89
CA LEU A 933 15.39 0.75 -14.79
C LEU A 933 14.60 1.86 -14.09
N HIS A 934 14.19 1.64 -12.85
CA HIS A 934 13.58 2.70 -12.06
C HIS A 934 14.54 3.85 -11.86
N SER A 935 15.82 3.55 -11.65
CA SER A 935 16.81 4.60 -11.46
C SER A 935 16.91 5.55 -12.64
N GLU A 936 16.76 5.04 -13.87
CA GLU A 936 16.72 5.92 -15.04
C GLU A 936 15.54 6.89 -15.00
N ALA A 937 14.32 6.38 -14.74
CA ALA A 937 13.16 7.27 -14.71
C ALA A 937 13.24 8.28 -13.58
N TRP A 938 13.71 7.86 -12.41
CA TRP A 938 13.97 8.79 -11.32
C TRP A 938 15.06 9.79 -11.67
N PHE A 939 16.17 9.31 -12.22
CA PHE A 939 17.22 10.19 -12.71
C PHE A 939 16.73 11.23 -13.71
N LEU A 940 15.90 10.80 -14.68
CA LEU A 940 15.30 11.71 -15.65
C LEU A 940 14.35 12.72 -14.99
N PHE A 941 13.51 12.27 -14.08
CA PHE A 941 12.72 13.18 -13.25
C PHE A 941 13.57 14.24 -12.56
N LEU A 942 14.62 13.83 -11.85
CA LEU A 942 15.52 14.80 -11.23
C LEU A 942 16.10 15.80 -12.23
N THR A 943 16.79 15.33 -13.27
CA THR A 943 17.40 16.23 -14.24
C THR A 943 16.39 17.14 -14.95
N THR A 944 15.27 16.60 -15.40
CA THR A 944 14.24 17.44 -16.03
C THR A 944 13.72 18.52 -15.09
N SER A 945 13.46 18.18 -13.84
CA SER A 945 13.09 19.17 -12.85
C SER A 945 14.11 20.29 -12.71
N ARG A 946 15.41 19.97 -12.76
CA ARG A 946 16.42 21.03 -12.69
C ARG A 946 16.60 21.79 -14.00
N TRP A 947 16.49 21.10 -15.14
CA TRP A 947 16.47 21.80 -16.43
C TRP A 947 15.40 22.90 -16.46
N PHE A 948 14.19 22.56 -16.03
CA PHE A 948 13.11 23.53 -15.91
C PHE A 948 13.42 24.66 -14.92
N ALA A 949 13.71 24.30 -13.67
CA ALA A 949 13.97 25.27 -12.61
C ALA A 949 15.11 26.24 -12.93
N VAL A 950 16.19 25.77 -13.55
CA VAL A 950 17.25 26.68 -13.98
C VAL A 950 16.73 27.78 -14.92
N ARG A 951 15.88 27.42 -15.89
CA ARG A 951 15.34 28.41 -16.83
C ARG A 951 14.28 29.32 -16.19
N LEU A 952 13.47 28.81 -15.28
CA LEU A 952 12.64 29.70 -14.49
C LEU A 952 13.47 30.72 -13.72
N ASP A 953 14.60 30.31 -13.14
CA ASP A 953 15.47 31.27 -12.49
C ASP A 953 16.13 32.24 -13.45
N ALA A 954 16.29 31.88 -14.72
CA ALA A 954 16.73 32.88 -15.70
C ALA A 954 15.73 34.02 -15.88
N ILE A 955 14.45 33.70 -16.06
CA ILE A 955 13.44 34.77 -16.16
C ILE A 955 13.18 35.46 -14.83
N CYS A 956 13.37 34.79 -13.71
CA CYS A 956 13.42 35.51 -12.43
C CYS A 956 14.57 36.50 -12.39
N ALA A 957 15.75 36.10 -12.84
CA ALA A 957 16.89 37.01 -12.86
C ALA A 957 16.71 38.17 -13.82
N VAL A 958 16.03 37.97 -14.95
CA VAL A 958 15.66 39.10 -15.81
C VAL A 958 14.73 40.08 -15.10
N PHE A 959 13.75 39.56 -14.35
CA PHE A 959 12.90 40.43 -13.54
C PHE A 959 13.72 41.25 -12.53
N VAL A 960 14.63 40.60 -11.81
CA VAL A 960 15.51 41.31 -10.89
C VAL A 960 16.35 42.36 -11.60
N ILE A 961 16.89 42.02 -12.77
CA ILE A 961 17.69 42.97 -13.56
C ILE A 961 16.86 44.16 -14.04
N VAL A 962 15.62 43.92 -14.47
CA VAL A 962 14.72 44.99 -14.89
C VAL A 962 14.39 45.93 -13.73
N VAL A 963 14.09 45.38 -12.56
CA VAL A 963 13.82 46.21 -11.37
C VAL A 963 15.06 47.00 -10.97
N ALA A 964 16.23 46.36 -10.96
CA ALA A 964 17.43 47.04 -10.48
C ALA A 964 17.88 48.18 -11.41
N PHE A 965 18.03 47.91 -12.71
CA PHE A 965 18.36 48.99 -13.64
C PHE A 965 17.18 49.93 -13.93
N GLY A 966 15.97 49.40 -14.01
CA GLY A 966 14.81 50.27 -14.22
C GLY A 966 14.65 51.33 -13.14
N SER A 967 14.92 50.98 -11.90
CA SER A 967 14.91 51.97 -10.82
C SER A 967 15.95 53.05 -11.04
N LEU A 968 17.12 52.70 -11.54
CA LEU A 968 18.19 53.67 -11.79
C LEU A 968 17.92 54.53 -13.02
N ILE A 969 17.20 53.98 -14.00
CA ILE A 969 16.74 54.76 -15.15
C ILE A 969 15.67 55.78 -14.74
N LEU A 970 14.64 55.34 -14.04
CA LEU A 970 13.51 56.17 -13.64
C LEU A 970 13.76 56.98 -12.37
N ALA A 971 15.01 57.06 -11.91
CA ALA A 971 15.31 57.46 -10.54
C ALA A 971 14.74 58.82 -10.12
N LYS A 972 14.47 59.74 -11.05
CA LYS A 972 13.82 60.99 -10.67
C LYS A 972 12.48 60.77 -9.98
N THR A 973 11.75 59.74 -10.36
CA THR A 973 10.34 59.63 -10.06
C THR A 973 10.02 58.92 -8.75
N LEU A 974 10.96 58.18 -8.17
CA LEU A 974 10.63 57.30 -7.05
C LEU A 974 11.65 57.42 -5.93
N ASP A 975 11.12 57.33 -4.70
CA ASP A 975 11.81 57.56 -3.43
C ASP A 975 12.45 56.31 -2.85
N ALA A 976 13.47 56.53 -2.02
CA ALA A 976 14.32 55.47 -1.50
C ALA A 976 13.55 54.32 -0.86
N GLY A 977 12.57 54.62 -0.01
CA GLY A 977 11.76 53.57 0.59
C GLY A 977 10.89 52.79 -0.38
N GLN A 978 10.39 53.43 -1.43
CA GLN A 978 9.72 52.70 -2.50
C GLN A 978 10.66 51.71 -3.18
N VAL A 979 11.84 52.18 -3.59
CA VAL A 979 12.83 51.32 -4.23
C VAL A 979 13.27 50.18 -3.33
N GLY A 980 13.56 50.48 -2.06
CA GLY A 980 13.92 49.42 -1.12
C GLY A 980 12.85 48.35 -0.96
N LEU A 981 11.59 48.76 -0.85
CA LEU A 981 10.47 47.82 -0.88
C LEU A 981 10.47 46.98 -2.14
N ALA A 982 10.48 47.62 -3.31
CA ALA A 982 10.40 46.90 -4.57
C ALA A 982 11.57 45.95 -4.79
N LEU A 983 12.81 46.42 -4.55
CA LEU A 983 13.98 45.55 -4.71
C LEU A 983 14.03 44.41 -3.69
N SER A 984 13.78 44.69 -2.41
CA SER A 984 13.78 43.63 -1.41
C SER A 984 12.82 42.51 -1.78
N TYR A 985 11.61 42.88 -2.20
CA TYR A 985 10.66 41.87 -2.66
C TYR A 985 11.14 41.12 -3.90
N ALA A 986 11.71 41.84 -4.87
CA ALA A 986 12.18 41.17 -6.10
C ALA A 986 13.23 40.11 -5.81
N LEU A 987 14.13 40.34 -4.85
CA LEU A 987 15.16 39.35 -4.55
C LEU A 987 14.59 38.08 -3.93
N THR A 988 13.54 38.17 -3.12
CA THR A 988 12.91 36.98 -2.55
C THR A 988 12.38 36.03 -3.61
N LEU A 989 12.05 36.55 -4.78
CA LEU A 989 11.44 35.76 -5.86
C LEU A 989 12.30 34.57 -6.29
N MET A 990 13.63 34.68 -6.21
CA MET A 990 14.53 33.74 -6.87
C MET A 990 14.35 32.30 -6.41
N GLY A 991 14.38 32.05 -5.11
CA GLY A 991 14.09 30.70 -4.65
C GLY A 991 12.64 30.31 -4.81
N MET A 992 11.75 31.28 -4.61
CA MET A 992 10.32 31.05 -4.42
C MET A 992 9.59 30.65 -5.71
N PHE A 993 9.80 31.37 -6.81
CA PHE A 993 8.97 31.18 -8.00
C PHE A 993 9.10 29.79 -8.62
N GLN A 994 10.31 29.25 -8.71
CA GLN A 994 10.46 27.88 -9.22
C GLN A 994 9.79 26.84 -8.33
N TRP A 995 9.81 27.03 -7.02
CA TRP A 995 9.14 26.08 -6.13
C TRP A 995 7.63 26.15 -6.28
N CYS A 996 7.08 27.36 -6.33
CA CYS A 996 5.67 27.56 -6.61
C CYS A 996 5.18 26.83 -7.87
N VAL A 997 5.89 26.98 -8.99
CA VAL A 997 5.47 26.36 -10.24
C VAL A 997 5.66 24.84 -10.25
N ARG A 998 6.70 24.32 -9.58
CA ARG A 998 6.84 22.87 -9.46
C ARG A 998 5.82 22.25 -8.50
N GLN A 999 5.51 22.90 -7.37
CA GLN A 999 4.44 22.41 -6.51
C GLN A 999 3.06 22.45 -7.16
N SER A 1000 2.83 23.41 -8.06
CA SER A 1000 1.63 23.39 -8.89
C SER A 1000 1.41 22.06 -9.59
N ALA A 1001 2.45 21.53 -10.23
CA ALA A 1001 2.37 20.21 -10.86
C ALA A 1001 2.19 19.08 -9.87
N GLU A 1002 2.78 19.17 -8.68
CA GLU A 1002 2.51 18.18 -7.64
C GLU A 1002 1.04 18.13 -7.24
N VAL A 1003 0.43 19.29 -6.95
CA VAL A 1003 -1.01 19.34 -6.71
C VAL A 1003 -1.80 18.69 -7.84
N GLU A 1004 -1.59 19.17 -9.07
CA GLU A 1004 -2.25 18.58 -10.24
C GLU A 1004 -2.09 17.06 -10.32
N ASN A 1005 -0.87 16.56 -10.12
CA ASN A 1005 -0.61 15.12 -10.14
C ASN A 1005 -1.40 14.35 -9.08
N MET A 1006 -1.47 14.87 -7.85
CA MET A 1006 -2.23 14.19 -6.79
C MET A 1006 -3.74 14.28 -6.95
N MET A 1007 -4.27 15.29 -7.60
CA MET A 1007 -5.70 15.33 -7.87
C MET A 1007 -6.20 14.12 -8.64
N ILE A 1008 -5.33 13.38 -9.34
CA ILE A 1008 -5.78 12.13 -9.96
C ILE A 1008 -6.28 11.17 -8.89
N SER A 1009 -5.61 11.12 -7.74
CA SER A 1009 -6.09 10.31 -6.64
C SER A 1009 -7.46 10.75 -6.14
N VAL A 1010 -7.71 12.06 -6.07
CA VAL A 1010 -9.00 12.55 -5.62
C VAL A 1010 -10.11 12.15 -6.58
N GLU A 1011 -9.86 12.29 -7.88
CA GLU A 1011 -10.83 11.83 -8.86
C GLU A 1011 -11.10 10.33 -8.77
N ARG A 1012 -10.05 9.53 -8.60
CA ARG A 1012 -10.22 8.09 -8.46
C ARG A 1012 -11.02 7.66 -7.24
N VAL A 1013 -11.15 8.48 -6.20
CA VAL A 1013 -12.06 8.12 -5.10
C VAL A 1013 -13.45 8.68 -5.30
N ILE A 1014 -13.57 9.88 -5.87
CA ILE A 1014 -14.89 10.45 -6.12
C ILE A 1014 -15.73 9.55 -7.02
N GLU A 1015 -15.11 8.90 -8.00
CA GLU A 1015 -15.88 7.97 -8.83
C GLU A 1015 -16.46 6.82 -8.02
N TYR A 1016 -15.76 6.34 -7.00
CA TYR A 1016 -16.30 5.30 -6.12
C TYR A 1016 -17.34 5.79 -5.13
N THR A 1017 -17.51 7.09 -4.96
CA THR A 1017 -18.66 7.59 -4.22
C THR A 1017 -19.95 7.54 -5.02
N ASP A 1018 -19.87 7.21 -6.32
CA ASP A 1018 -21.02 7.25 -7.22
C ASP A 1018 -21.44 5.89 -7.74
N LEU A 1019 -20.98 4.79 -7.15
CA LEU A 1019 -21.35 3.46 -7.63
C LEU A 1019 -22.85 3.20 -7.48
N GLU A 1020 -23.40 2.40 -8.38
CA GLU A 1020 -24.75 1.85 -8.24
C GLU A 1020 -24.88 1.01 -6.98
N LYS A 1021 -26.10 0.93 -6.45
CA LYS A 1021 -26.40 0.30 -5.16
C LYS A 1021 -27.37 -0.87 -5.29
N GLU A 1022 -27.16 -1.89 -4.45
CA GLU A 1022 -28.14 -2.95 -4.22
C GLU A 1022 -29.45 -2.40 -3.64
N ALA A 1023 -30.55 -3.12 -3.89
CA ALA A 1023 -31.86 -2.81 -3.31
C ALA A 1023 -31.79 -2.78 -1.78
N PRO A 1024 -32.50 -1.86 -1.08
CA PRO A 1024 -31.99 -1.47 0.24
C PRO A 1024 -31.99 -2.66 1.19
N TRP A 1025 -31.37 -2.48 2.35
CA TRP A 1025 -31.30 -3.56 3.34
C TRP A 1025 -32.65 -3.95 3.95
N GLU A 1026 -33.50 -2.99 4.29
CA GLU A 1026 -34.85 -3.28 4.79
C GLU A 1026 -35.92 -2.46 4.11
N TYR A 1027 -37.01 -3.12 3.68
CA TYR A 1027 -38.12 -2.47 3.01
C TYR A 1027 -39.07 -1.82 4.01
N GLN A 1028 -40.01 -1.04 3.47
CA GLN A 1028 -41.13 -0.53 4.26
C GLN A 1028 -42.00 -1.66 4.78
N LYS A 1029 -42.33 -2.62 3.90
CA LYS A 1029 -42.87 -3.89 4.33
C LYS A 1029 -41.78 -4.75 4.98
N ARG A 1030 -42.12 -5.40 6.08
CA ARG A 1030 -41.19 -6.26 6.80
C ARG A 1030 -41.90 -7.53 7.24
N PRO A 1031 -41.19 -8.64 7.33
CA PRO A 1031 -41.81 -9.88 7.78
C PRO A 1031 -42.16 -9.86 9.27
N LEU A 1032 -43.15 -10.68 9.62
CA LEU A 1032 -43.42 -10.97 11.02
C LEU A 1032 -42.30 -11.81 11.61
N PRO A 1033 -42.00 -11.63 12.90
CA PRO A 1033 -40.79 -12.27 13.46
C PRO A 1033 -40.87 -13.79 13.50
N SER A 1034 -42.07 -14.37 13.37
CA SER A 1034 -42.19 -15.82 13.29
C SER A 1034 -41.73 -16.37 11.95
N TRP A 1035 -41.75 -15.55 10.90
CA TRP A 1035 -41.44 -15.99 9.56
C TRP A 1035 -39.92 -16.09 9.34
N PRO A 1036 -39.47 -17.05 8.52
CA PRO A 1036 -40.18 -18.23 8.03
C PRO A 1036 -40.37 -19.26 9.13
N HIS A 1037 -41.30 -20.19 8.93
CA HIS A 1037 -41.71 -21.13 9.96
C HIS A 1037 -41.90 -22.55 9.44
N GLU A 1038 -42.27 -22.74 8.19
CA GLU A 1038 -42.28 -24.04 7.52
C GLU A 1038 -40.99 -24.28 6.75
N GLY A 1039 -40.53 -23.28 6.01
CA GLY A 1039 -39.37 -23.42 5.15
C GLY A 1039 -39.71 -23.92 3.77
N VAL A 1040 -40.81 -23.41 3.22
CA VAL A 1040 -41.11 -23.55 1.79
C VAL A 1040 -40.27 -22.56 1.00
N ILE A 1041 -39.72 -23.01 -0.14
CA ILE A 1041 -39.17 -22.13 -1.16
C ILE A 1041 -39.80 -22.53 -2.49
N ILE A 1042 -40.19 -21.53 -3.29
CA ILE A 1042 -40.70 -21.77 -4.64
C ILE A 1042 -39.93 -20.90 -5.62
N PHE A 1043 -39.52 -21.51 -6.74
CA PHE A 1043 -39.07 -20.79 -7.94
C PHE A 1043 -40.16 -20.86 -8.99
N ASP A 1044 -40.44 -19.73 -9.64
CA ASP A 1044 -41.47 -19.68 -10.68
C ASP A 1044 -41.08 -18.72 -11.80
N ASN A 1045 -40.81 -19.28 -12.97
CA ASN A 1045 -40.38 -18.53 -14.16
C ASN A 1045 -39.17 -17.63 -13.89
N VAL A 1046 -38.26 -18.11 -13.05
CA VAL A 1046 -37.06 -17.35 -12.70
C VAL A 1046 -36.09 -17.31 -13.87
N ASN A 1047 -35.59 -16.12 -14.20
CA ASN A 1047 -34.47 -15.94 -15.12
C ASN A 1047 -33.36 -15.16 -14.40
N PHE A 1048 -32.10 -15.50 -14.67
CA PHE A 1048 -30.98 -14.84 -14.02
C PHE A 1048 -29.85 -14.59 -14.99
N SER A 1049 -29.21 -13.42 -14.85
CA SER A 1049 -27.95 -13.11 -15.52
C SER A 1049 -27.09 -12.27 -14.60
N TYR A 1050 -25.77 -12.42 -14.74
CA TYR A 1050 -24.86 -11.68 -13.88
C TYR A 1050 -24.80 -10.20 -14.24
N SER A 1051 -25.21 -9.82 -15.45
CA SER A 1051 -25.35 -8.42 -15.81
C SER A 1051 -26.53 -8.28 -16.75
N LEU A 1052 -27.11 -7.08 -16.78
CA LEU A 1052 -28.30 -6.86 -17.61
C LEU A 1052 -27.98 -7.00 -19.09
N ASP A 1053 -26.76 -6.69 -19.49
CA ASP A 1053 -26.31 -6.91 -20.87
C ASP A 1053 -25.70 -8.29 -21.09
N GLY A 1054 -25.54 -9.09 -20.03
CA GLY A 1054 -24.97 -10.41 -20.17
C GLY A 1054 -26.01 -11.44 -20.60
N PRO A 1055 -25.52 -12.62 -20.96
CA PRO A 1055 -26.43 -13.72 -21.29
C PRO A 1055 -27.19 -14.23 -20.07
N LEU A 1056 -28.40 -14.73 -20.32
CA LEU A 1056 -29.12 -15.50 -19.33
C LEU A 1056 -28.45 -16.85 -19.09
N VAL A 1057 -28.30 -17.21 -17.82
CA VAL A 1057 -27.68 -18.47 -17.43
C VAL A 1057 -28.61 -19.34 -16.60
N LEU A 1058 -29.78 -18.84 -16.20
CA LEU A 1058 -30.93 -19.65 -15.79
C LEU A 1058 -32.16 -19.10 -16.47
N LYS A 1059 -33.01 -19.99 -16.99
CA LYS A 1059 -34.20 -19.58 -17.72
C LYS A 1059 -35.41 -20.42 -17.32
N HIS A 1060 -36.54 -19.76 -17.13
CA HIS A 1060 -37.83 -20.39 -16.83
C HIS A 1060 -37.77 -21.34 -15.63
N LEU A 1061 -36.77 -21.18 -14.77
CA LEU A 1061 -36.55 -22.10 -13.67
C LEU A 1061 -37.75 -22.13 -12.74
N THR A 1062 -38.39 -23.30 -12.61
CA THR A 1062 -39.69 -23.41 -11.94
C THR A 1062 -39.73 -24.67 -11.09
N ALA A 1063 -39.68 -24.51 -9.75
CA ALA A 1063 -39.61 -25.66 -8.87
C ALA A 1063 -40.11 -25.30 -7.47
N LEU A 1064 -40.64 -26.30 -6.77
CA LEU A 1064 -41.06 -26.23 -5.38
C LEU A 1064 -40.07 -26.95 -4.47
N ILE A 1065 -39.71 -26.32 -3.35
CA ILE A 1065 -38.98 -26.98 -2.27
C ILE A 1065 -39.85 -26.99 -1.02
N LYS A 1066 -40.19 -28.18 -0.54
CA LYS A 1066 -41.11 -28.34 0.58
C LYS A 1066 -40.37 -28.32 1.92
N SER A 1067 -41.14 -28.09 2.98
CA SER A 1067 -40.59 -28.01 4.34
C SER A 1067 -39.97 -29.32 4.82
N LYS A 1068 -38.75 -29.22 5.36
CA LYS A 1068 -37.92 -30.33 5.83
C LYS A 1068 -37.54 -31.32 4.72
N GLU A 1069 -37.87 -31.04 3.47
CA GLU A 1069 -37.38 -31.82 2.35
C GLU A 1069 -35.87 -31.65 2.18
N LYS A 1070 -35.22 -32.69 1.65
CA LYS A 1070 -33.78 -32.68 1.36
C LYS A 1070 -33.56 -32.75 -0.16
N VAL A 1071 -32.84 -31.76 -0.72
CA VAL A 1071 -32.65 -31.64 -2.16
C VAL A 1071 -31.18 -31.41 -2.48
N GLY A 1072 -30.67 -32.12 -3.49
CA GLY A 1072 -29.33 -31.92 -4.02
C GLY A 1072 -29.31 -31.25 -5.38
N ILE A 1073 -28.26 -30.46 -5.64
CA ILE A 1073 -28.01 -29.82 -6.94
C ILE A 1073 -26.84 -30.49 -7.64
N VAL A 1074 -27.05 -30.90 -8.90
CA VAL A 1074 -26.09 -31.67 -9.68
C VAL A 1074 -26.08 -31.16 -11.12
N GLY A 1075 -24.98 -31.40 -11.83
CA GLY A 1075 -24.92 -31.05 -13.24
C GLY A 1075 -23.51 -30.84 -13.74
N ARG A 1076 -23.45 -30.38 -15.01
CA ARG A 1076 -22.20 -30.05 -15.69
C ARG A 1076 -21.54 -28.81 -15.07
N THR A 1077 -20.23 -28.70 -15.27
CA THR A 1077 -19.53 -27.45 -15.03
C THR A 1077 -20.10 -26.34 -15.88
N GLY A 1078 -20.35 -25.18 -15.26
CA GLY A 1078 -20.91 -24.04 -15.95
C GLY A 1078 -22.38 -24.12 -16.25
N ALA A 1079 -23.08 -25.16 -15.77
CA ALA A 1079 -24.50 -25.31 -16.07
C ALA A 1079 -25.35 -24.27 -15.35
N GLY A 1080 -24.83 -23.56 -14.36
CA GLY A 1080 -25.60 -22.58 -13.63
C GLY A 1080 -25.73 -22.85 -12.14
N LYS A 1081 -25.03 -23.86 -11.61
CA LYS A 1081 -25.19 -24.21 -10.20
C LYS A 1081 -24.92 -23.01 -9.30
N SER A 1082 -23.80 -22.34 -9.49
CA SER A 1082 -23.50 -21.16 -8.68
C SER A 1082 -24.56 -20.08 -8.82
N SER A 1083 -25.24 -20.03 -9.96
CA SER A 1083 -26.28 -19.01 -10.15
C SER A 1083 -27.51 -19.25 -9.28
N LEU A 1084 -27.75 -20.47 -8.82
CA LEU A 1084 -28.92 -20.70 -7.97
C LEU A 1084 -28.75 -20.04 -6.60
N ILE A 1085 -27.55 -20.07 -6.04
CA ILE A 1085 -27.28 -19.28 -4.84
C ILE A 1085 -27.47 -17.81 -5.12
N ALA A 1086 -26.90 -17.33 -6.24
CA ALA A 1086 -26.98 -15.91 -6.56
C ALA A 1086 -28.40 -15.43 -6.76
N ALA A 1087 -29.27 -16.29 -7.29
CA ALA A 1087 -30.69 -15.92 -7.39
C ALA A 1087 -31.35 -15.84 -6.03
N LEU A 1088 -31.19 -16.88 -5.21
CA LEU A 1088 -31.90 -16.96 -3.94
C LEU A 1088 -31.45 -15.88 -2.95
N PHE A 1089 -30.15 -15.58 -2.90
CA PHE A 1089 -29.67 -14.47 -2.08
C PHE A 1089 -29.83 -13.11 -2.77
N ARG A 1090 -30.38 -13.07 -3.98
CA ARG A 1090 -30.49 -11.84 -4.75
C ARG A 1090 -29.15 -11.11 -4.83
N LEU A 1091 -28.11 -11.83 -5.25
CA LEU A 1091 -26.83 -11.18 -5.50
C LEU A 1091 -26.89 -10.38 -6.81
N SER A 1092 -27.64 -10.86 -7.78
CA SER A 1092 -28.09 -10.09 -8.92
C SER A 1092 -29.59 -10.34 -9.08
N GLU A 1093 -30.34 -9.29 -9.33
CA GLU A 1093 -31.79 -9.40 -9.20
C GLU A 1093 -32.34 -10.32 -10.27
N PRO A 1094 -33.03 -11.41 -9.89
CA PRO A 1094 -33.66 -12.26 -10.89
C PRO A 1094 -34.90 -11.64 -11.51
N GLU A 1095 -35.21 -12.05 -12.73
CA GLU A 1095 -36.56 -11.91 -13.23
C GLU A 1095 -37.46 -12.98 -12.61
N GLY A 1096 -38.76 -12.73 -12.64
CA GLY A 1096 -39.74 -13.70 -12.21
C GLY A 1096 -40.02 -13.68 -10.72
N LYS A 1097 -40.57 -14.80 -10.24
CA LYS A 1097 -41.07 -14.91 -8.87
C LYS A 1097 -40.30 -15.95 -8.09
N ILE A 1098 -39.88 -15.56 -6.89
CA ILE A 1098 -39.35 -16.47 -5.86
C ILE A 1098 -40.16 -16.22 -4.59
N TRP A 1099 -40.63 -17.30 -3.97
CA TRP A 1099 -41.40 -17.21 -2.74
C TRP A 1099 -40.71 -17.97 -1.62
N ILE A 1100 -40.77 -17.42 -0.41
CA ILE A 1100 -40.42 -18.15 0.81
C ILE A 1100 -41.60 -18.04 1.75
N ASP A 1101 -42.14 -19.18 2.16
CA ASP A 1101 -43.35 -19.26 2.98
C ASP A 1101 -44.39 -18.23 2.54
N LYS A 1102 -44.67 -18.24 1.24
CA LYS A 1102 -45.68 -17.40 0.60
C LYS A 1102 -45.41 -15.89 0.70
N ILE A 1103 -44.19 -15.47 0.99
CA ILE A 1103 -43.78 -14.07 0.80
C ILE A 1103 -42.83 -14.01 -0.39
N LEU A 1104 -43.07 -13.07 -1.30
CA LEU A 1104 -42.16 -12.86 -2.42
C LEU A 1104 -40.84 -12.28 -1.94
N THR A 1105 -39.73 -12.92 -2.30
CA THR A 1105 -38.43 -12.46 -1.82
C THR A 1105 -38.01 -11.15 -2.45
N THR A 1106 -38.63 -10.77 -3.57
CA THR A 1106 -38.40 -9.44 -4.12
C THR A 1106 -39.05 -8.33 -3.30
N GLU A 1107 -40.06 -8.64 -2.50
CA GLU A 1107 -40.86 -7.63 -1.80
C GLU A 1107 -40.43 -7.43 -0.36
N ILE A 1108 -39.26 -7.93 0.05
CA ILE A 1108 -38.73 -7.71 1.38
C ILE A 1108 -37.27 -7.28 1.27
N GLY A 1109 -36.75 -6.74 2.36
CA GLY A 1109 -35.40 -6.25 2.36
C GLY A 1109 -34.37 -7.36 2.23
N LEU A 1110 -33.20 -6.98 1.72
CA LEU A 1110 -32.12 -7.94 1.57
C LEU A 1110 -31.69 -8.54 2.90
N HIS A 1111 -31.61 -7.74 3.96
CA HIS A 1111 -31.25 -8.31 5.25
C HIS A 1111 -32.37 -9.09 5.91
N ASP A 1112 -33.63 -8.83 5.58
CA ASP A 1112 -34.68 -9.73 6.03
C ASP A 1112 -34.49 -11.11 5.42
N LEU A 1113 -34.22 -11.14 4.11
CA LEU A 1113 -34.03 -12.39 3.40
C LEU A 1113 -32.74 -13.08 3.79
N ARG A 1114 -31.62 -12.35 3.70
CA ARG A 1114 -30.31 -12.96 3.87
C ARG A 1114 -30.10 -13.54 5.27
N LYS A 1115 -30.61 -12.87 6.31
CA LYS A 1115 -30.40 -13.38 7.66
C LYS A 1115 -31.19 -14.65 7.95
N LYS A 1116 -32.38 -14.81 7.38
CA LYS A 1116 -33.16 -16.03 7.60
C LYS A 1116 -32.73 -17.22 6.74
N MET A 1117 -31.51 -17.24 6.20
CA MET A 1117 -30.96 -18.42 5.56
C MET A 1117 -29.54 -18.63 6.07
N SER A 1118 -29.06 -19.87 6.00
CA SER A 1118 -27.72 -20.23 6.44
C SER A 1118 -26.92 -20.81 5.29
N ILE A 1119 -25.72 -20.29 5.09
CA ILE A 1119 -24.79 -20.72 4.04
C ILE A 1119 -23.56 -21.35 4.68
N ILE A 1120 -23.17 -22.53 4.19
CA ILE A 1120 -21.85 -23.08 4.47
C ILE A 1120 -20.99 -22.97 3.21
N PRO A 1121 -20.12 -21.97 3.11
CA PRO A 1121 -19.35 -21.79 1.86
C PRO A 1121 -18.26 -22.82 1.69
N GLN A 1122 -17.87 -23.02 0.43
CA GLN A 1122 -16.78 -23.95 0.11
C GLN A 1122 -15.47 -23.50 0.74
N GLU A 1123 -15.01 -22.30 0.40
CA GLU A 1123 -13.81 -21.75 1.03
C GLU A 1123 -14.14 -21.24 2.42
N PRO A 1124 -13.49 -21.73 3.46
CA PRO A 1124 -13.65 -21.11 4.78
C PRO A 1124 -12.99 -19.74 4.81
N VAL A 1125 -13.49 -18.87 5.69
CA VAL A 1125 -12.77 -17.67 6.10
C VAL A 1125 -12.83 -17.54 7.61
N LEU A 1126 -11.66 -17.35 8.23
CA LEU A 1126 -11.55 -16.84 9.58
C LEU A 1126 -11.02 -15.42 9.50
N PHE A 1127 -11.78 -14.47 10.04
CA PHE A 1127 -11.39 -13.07 10.01
C PHE A 1127 -10.52 -12.76 11.22
N THR A 1128 -9.61 -11.80 11.06
CA THR A 1128 -8.72 -11.41 12.16
C THR A 1128 -9.53 -10.91 13.35
N GLY A 1129 -9.21 -11.42 14.52
CA GLY A 1129 -9.97 -11.16 15.73
C GLY A 1129 -10.01 -12.38 16.61
N THR A 1130 -10.88 -12.34 17.61
CA THR A 1130 -11.00 -13.46 18.54
C THR A 1130 -11.88 -14.55 17.95
N MET A 1131 -11.81 -15.72 18.57
CA MET A 1131 -12.74 -16.80 18.24
C MET A 1131 -14.19 -16.39 18.52
N ARG A 1132 -14.41 -15.64 19.60
CA ARG A 1132 -15.77 -15.19 19.91
C ARG A 1132 -16.36 -14.37 18.78
N LYS A 1133 -15.60 -13.41 18.24
CA LYS A 1133 -16.08 -12.64 17.09
C LYS A 1133 -16.35 -13.54 15.88
N ASN A 1134 -15.44 -14.47 15.61
CA ASN A 1134 -15.61 -15.35 14.45
C ASN A 1134 -16.80 -16.29 14.60
N LEU A 1135 -17.20 -16.61 15.83
CA LEU A 1135 -18.41 -17.38 16.06
C LEU A 1135 -19.65 -16.51 16.20
N ASP A 1136 -19.49 -15.29 16.70
CA ASP A 1136 -20.63 -14.41 16.90
C ASP A 1136 -20.13 -12.97 16.89
N PRO A 1137 -20.33 -12.22 15.81
CA PRO A 1137 -19.86 -10.82 15.78
C PRO A 1137 -20.81 -9.82 16.42
N PHE A 1138 -21.98 -10.23 16.89
CA PHE A 1138 -22.96 -9.30 17.44
C PHE A 1138 -23.28 -9.55 18.91
N ASN A 1139 -22.75 -10.62 19.49
CA ASN A 1139 -23.02 -11.00 20.89
C ASN A 1139 -24.51 -11.26 21.11
N GLU A 1140 -24.96 -12.38 20.56
CA GLU A 1140 -26.29 -12.90 20.82
C GLU A 1140 -26.30 -14.33 21.36
N HIS A 1141 -25.15 -15.01 21.37
CA HIS A 1141 -25.01 -16.32 22.00
C HIS A 1141 -24.23 -16.23 23.31
N SER A 1142 -24.72 -16.94 24.32
CA SER A 1142 -24.04 -17.04 25.60
C SER A 1142 -22.71 -17.79 25.47
N ASP A 1143 -21.78 -17.48 26.39
CA ASP A 1143 -20.54 -18.23 26.47
C ASP A 1143 -20.79 -19.71 26.77
N GLU A 1144 -21.90 -20.03 27.44
CA GLU A 1144 -22.30 -21.42 27.57
C GLU A 1144 -22.64 -22.01 26.21
N GLU A 1145 -23.43 -21.28 25.41
CA GLU A 1145 -23.80 -21.75 24.09
C GLU A 1145 -22.61 -21.85 23.16
N LEU A 1146 -21.67 -20.90 23.26
CA LEU A 1146 -20.48 -20.96 22.42
C LEU A 1146 -19.62 -22.19 22.70
N TRP A 1147 -19.45 -22.57 23.97
CA TRP A 1147 -18.77 -23.83 24.26
C TRP A 1147 -19.59 -25.04 23.84
N ASN A 1148 -20.93 -24.97 23.99
CA ASN A 1148 -21.76 -26.06 23.50
C ASN A 1148 -21.61 -26.26 22.00
N ALA A 1149 -21.54 -25.17 21.24
CA ALA A 1149 -21.25 -25.29 19.81
C ALA A 1149 -19.84 -25.84 19.57
N LEU A 1150 -18.85 -25.30 20.27
CA LEU A 1150 -17.48 -25.77 20.12
C LEU A 1150 -17.30 -27.21 20.56
N GLU A 1151 -18.14 -27.68 21.49
CA GLU A 1151 -18.17 -29.11 21.79
C GLU A 1151 -18.80 -29.92 20.67
N GLU A 1152 -19.92 -29.45 20.13
CA GLU A 1152 -20.62 -30.22 19.09
C GLU A 1152 -19.83 -30.33 17.80
N VAL A 1153 -18.98 -29.35 17.48
CA VAL A 1153 -18.03 -29.53 16.39
C VAL A 1153 -16.76 -30.22 16.83
N GLN A 1154 -16.67 -30.63 18.10
CA GLN A 1154 -15.49 -31.29 18.65
C GLN A 1154 -14.20 -30.51 18.39
N LEU A 1155 -14.23 -29.24 18.77
CA LEU A 1155 -13.08 -28.34 18.63
C LEU A 1155 -12.63 -27.73 19.95
N LYS A 1156 -13.48 -27.78 20.98
CA LYS A 1156 -13.22 -27.14 22.27
C LYS A 1156 -11.81 -27.36 22.81
N GLU A 1157 -11.34 -28.60 22.81
CA GLU A 1157 -10.07 -28.92 23.46
C GLU A 1157 -8.90 -28.17 22.83
N ALA A 1158 -8.85 -28.08 21.50
CA ALA A 1158 -7.80 -27.33 20.84
C ALA A 1158 -7.89 -25.83 21.09
N ILE A 1159 -9.07 -25.31 21.45
CA ILE A 1159 -9.19 -23.91 21.82
C ILE A 1159 -8.82 -23.69 23.28
N GLU A 1160 -9.19 -24.61 24.16
CA GLU A 1160 -8.77 -24.52 25.55
C GLU A 1160 -7.25 -24.63 25.71
N ASP A 1161 -6.57 -25.29 24.77
CA ASP A 1161 -5.11 -25.26 24.74
C ASP A 1161 -4.55 -23.88 24.46
N LEU A 1162 -5.34 -22.97 23.91
CA LEU A 1162 -4.86 -21.61 23.65
C LEU A 1162 -4.89 -20.76 24.91
N PRO A 1163 -3.88 -19.90 25.12
CA PRO A 1163 -3.72 -19.26 26.43
C PRO A 1163 -4.83 -18.29 26.79
N GLY A 1164 -5.44 -17.63 25.82
CA GLY A 1164 -6.56 -16.74 26.08
C GLY A 1164 -7.92 -17.36 25.89
N LYS A 1165 -7.98 -18.65 25.56
CA LYS A 1165 -9.24 -19.33 25.30
C LYS A 1165 -10.08 -18.57 24.28
N MET A 1166 -11.41 -18.54 24.43
CA MET A 1166 -12.25 -17.96 23.38
C MET A 1166 -11.92 -16.51 23.05
N ASP A 1167 -11.35 -15.76 23.98
CA ASP A 1167 -10.96 -14.39 23.73
C ASP A 1167 -9.57 -14.26 23.11
N THR A 1168 -8.93 -15.38 22.76
CA THR A 1168 -7.60 -15.32 22.17
C THR A 1168 -7.64 -14.80 20.74
N GLU A 1169 -6.64 -14.00 20.37
CA GLU A 1169 -6.49 -13.53 19.00
C GLU A 1169 -6.02 -14.67 18.10
N LEU A 1170 -6.85 -15.00 17.11
CA LEU A 1170 -6.46 -15.99 16.12
C LEU A 1170 -5.38 -15.44 15.19
N ALA A 1171 -4.63 -16.35 14.57
CA ALA A 1171 -3.64 -15.95 13.59
C ALA A 1171 -4.29 -15.42 12.32
N GLU A 1172 -3.55 -14.60 11.59
CA GLU A 1172 -4.07 -14.00 10.36
C GLU A 1172 -4.51 -15.08 9.38
N SER A 1173 -5.65 -14.85 8.74
CA SER A 1173 -6.34 -15.78 7.84
C SER A 1173 -6.66 -17.12 8.51
N GLY A 1174 -6.49 -17.24 9.82
CA GLY A 1174 -6.62 -18.53 10.46
C GLY A 1174 -5.44 -19.44 10.28
N SER A 1175 -4.26 -18.89 10.00
CA SER A 1175 -3.11 -19.70 9.61
C SER A 1175 -2.76 -20.76 10.64
N ASN A 1176 -3.10 -20.55 11.91
CA ASN A 1176 -2.84 -21.55 12.94
C ASN A 1176 -3.74 -22.78 12.83
N PHE A 1177 -4.68 -22.82 11.89
CA PHE A 1177 -5.51 -24.00 11.65
C PHE A 1177 -5.33 -24.46 10.21
N SER A 1178 -5.47 -25.77 9.99
CA SER A 1178 -5.59 -26.29 8.64
C SER A 1178 -6.94 -25.91 8.02
N VAL A 1179 -7.01 -26.02 6.69
CA VAL A 1179 -8.24 -25.69 5.99
C VAL A 1179 -9.41 -26.52 6.52
N GLY A 1180 -9.19 -27.81 6.74
CA GLY A 1180 -10.24 -28.63 7.31
C GLY A 1180 -10.64 -28.20 8.71
N GLN A 1181 -9.67 -27.82 9.53
CA GLN A 1181 -9.98 -27.28 10.85
C GLN A 1181 -10.74 -25.96 10.77
N ARG A 1182 -10.37 -25.08 9.83
CA ARG A 1182 -11.12 -23.84 9.66
C ARG A 1182 -12.57 -24.10 9.26
N GLN A 1183 -12.81 -25.10 8.41
CA GLN A 1183 -14.18 -25.41 8.02
C GLN A 1183 -15.04 -25.85 9.19
N LEU A 1184 -14.42 -26.38 10.26
CA LEU A 1184 -15.18 -26.63 11.49
C LEU A 1184 -15.81 -25.37 12.05
N VAL A 1185 -15.14 -24.23 11.93
CA VAL A 1185 -15.68 -22.99 12.49
C VAL A 1185 -16.85 -22.48 11.67
N CYS A 1186 -16.82 -22.67 10.35
CA CYS A 1186 -17.98 -22.34 9.52
C CYS A 1186 -19.19 -23.21 9.87
N LEU A 1187 -18.97 -24.49 10.16
CA LEU A 1187 -20.06 -25.32 10.65
C LEU A 1187 -20.60 -24.80 11.98
N ALA A 1188 -19.72 -24.34 12.87
CA ALA A 1188 -20.17 -23.81 14.15
C ALA A 1188 -21.07 -22.59 14.00
N ARG A 1189 -20.70 -21.66 13.11
CA ARG A 1189 -21.56 -20.50 12.84
C ARG A 1189 -22.97 -20.93 12.42
N ALA A 1190 -23.06 -21.90 11.52
CA ALA A 1190 -24.37 -22.39 11.09
C ALA A 1190 -25.12 -23.09 12.22
N ILE A 1191 -24.40 -23.84 13.07
CA ILE A 1191 -25.02 -24.48 14.22
C ILE A 1191 -25.55 -23.43 15.21
N LEU A 1192 -24.80 -22.34 15.38
CA LEU A 1192 -25.24 -21.29 16.29
C LEU A 1192 -26.46 -20.54 15.77
N ARG A 1193 -26.41 -20.10 14.51
CA ARG A 1193 -27.51 -19.35 13.90
C ARG A 1193 -28.68 -20.26 13.55
N LYS A 1194 -29.65 -20.37 14.45
CA LYS A 1194 -30.83 -21.19 14.23
C LYS A 1194 -31.67 -20.69 13.05
N ASN A 1195 -31.85 -21.53 12.04
CA ASN A 1195 -32.60 -21.17 10.84
C ASN A 1195 -33.25 -22.41 10.25
N ARG A 1196 -34.34 -22.20 9.51
CA ARG A 1196 -35.06 -23.31 8.87
C ARG A 1196 -34.41 -23.82 7.58
N ILE A 1197 -33.73 -22.95 6.81
CA ILE A 1197 -33.23 -23.30 5.47
C ILE A 1197 -31.72 -23.27 5.49
N LEU A 1198 -31.09 -24.37 5.04
CA LEU A 1198 -29.65 -24.48 4.95
C LEU A 1198 -29.19 -24.73 3.52
N ILE A 1199 -28.23 -23.93 3.05
CA ILE A 1199 -27.58 -24.07 1.75
C ILE A 1199 -26.13 -24.48 1.98
N ILE A 1200 -25.72 -25.62 1.41
CA ILE A 1200 -24.36 -26.15 1.54
C ILE A 1200 -23.64 -26.04 0.20
N ASP A 1201 -22.50 -25.36 0.21
CA ASP A 1201 -21.70 -25.09 -0.98
C ASP A 1201 -20.56 -26.09 -1.17
N GLU A 1202 -20.91 -27.32 -1.53
CA GLU A 1202 -19.93 -28.33 -1.96
C GLU A 1202 -18.73 -28.45 -1.03
N ALA A 1203 -18.89 -28.12 0.25
CA ALA A 1203 -17.74 -27.69 1.04
C ALA A 1203 -16.92 -28.86 1.60
N THR A 1204 -17.57 -29.94 2.03
CA THR A 1204 -16.89 -30.93 2.86
C THR A 1204 -15.82 -31.72 2.12
N ALA A 1205 -15.90 -31.84 0.79
CA ALA A 1205 -14.87 -32.54 0.03
C ALA A 1205 -13.49 -31.88 0.13
N ASN A 1206 -13.41 -30.62 0.52
CA ASN A 1206 -12.12 -29.97 0.75
C ASN A 1206 -11.47 -30.36 2.08
N VAL A 1207 -12.23 -30.96 3.00
CA VAL A 1207 -11.66 -31.47 4.24
C VAL A 1207 -10.89 -32.76 3.98
N ASP A 1208 -9.96 -33.07 4.88
CA ASP A 1208 -9.30 -34.38 4.84
C ASP A 1208 -10.33 -35.50 4.95
N PRO A 1209 -10.12 -36.62 4.24
CA PRO A 1209 -11.15 -37.66 4.20
C PRO A 1209 -11.59 -38.16 5.58
N ARG A 1210 -10.64 -38.37 6.49
CA ARG A 1210 -10.94 -38.81 7.85
C ARG A 1210 -11.64 -37.76 8.69
N THR A 1211 -11.94 -36.59 8.13
CA THR A 1211 -12.74 -35.57 8.81
C THR A 1211 -13.85 -35.02 7.93
N ASP A 1212 -13.72 -35.09 6.61
CA ASP A 1212 -14.88 -34.94 5.72
C ASP A 1212 -16.02 -35.85 6.16
N GLU A 1213 -15.72 -37.12 6.36
CA GLU A 1213 -16.71 -38.07 6.86
C GLU A 1213 -17.27 -37.67 8.21
N LEU A 1214 -16.49 -37.01 9.06
CA LEU A 1214 -16.98 -36.61 10.37
C LEU A 1214 -18.01 -35.48 10.30
N ILE A 1215 -17.69 -34.38 9.61
CA ILE A 1215 -18.68 -33.31 9.50
C ILE A 1215 -19.87 -33.72 8.65
N GLN A 1216 -19.68 -34.58 7.65
CA GLN A 1216 -20.81 -35.15 6.94
C GLN A 1216 -21.77 -35.87 7.90
N LYS A 1217 -21.24 -36.65 8.83
CA LYS A 1217 -22.08 -37.26 9.85
C LYS A 1217 -22.76 -36.20 10.71
N LYS A 1218 -22.01 -35.20 11.17
CA LYS A 1218 -22.60 -34.17 12.01
C LYS A 1218 -23.73 -33.42 11.30
N ILE A 1219 -23.56 -33.10 10.02
CA ILE A 1219 -24.58 -32.34 9.30
C ILE A 1219 -25.89 -33.12 9.20
N ARG A 1220 -25.80 -34.44 9.02
CA ARG A 1220 -27.01 -35.26 9.09
C ARG A 1220 -27.65 -35.19 10.48
N GLU A 1221 -26.84 -35.14 11.53
CA GLU A 1221 -27.37 -35.16 12.89
C GLU A 1221 -28.01 -33.82 13.27
N LYS A 1222 -27.29 -32.71 13.09
CA LYS A 1222 -27.71 -31.47 13.71
C LYS A 1222 -28.88 -30.79 12.98
N PHE A 1223 -28.94 -30.86 11.66
CA PHE A 1223 -29.90 -30.08 10.88
C PHE A 1223 -31.12 -30.89 10.45
N ALA A 1224 -31.48 -31.93 11.22
CA ALA A 1224 -32.64 -32.75 10.88
C ALA A 1224 -33.93 -31.93 10.76
N HIS A 1225 -34.04 -30.82 11.49
CA HIS A 1225 -35.22 -29.95 11.44
C HIS A 1225 -35.24 -28.98 10.28
N CYS A 1226 -34.18 -28.86 9.49
CA CYS A 1226 -34.14 -27.93 8.37
C CYS A 1226 -34.59 -28.54 7.05
N THR A 1227 -35.08 -27.67 6.16
CA THR A 1227 -35.07 -27.93 4.72
C THR A 1227 -33.66 -27.66 4.21
N VAL A 1228 -33.12 -28.56 3.38
CA VAL A 1228 -31.71 -28.52 3.04
C VAL A 1228 -31.50 -28.52 1.53
N LEU A 1229 -30.69 -27.59 1.06
CA LEU A 1229 -30.17 -27.50 -0.30
C LEU A 1229 -28.68 -27.82 -0.26
N THR A 1230 -28.18 -28.61 -1.21
CA THR A 1230 -26.76 -28.96 -1.21
C THR A 1230 -26.22 -29.06 -2.63
N ILE A 1231 -25.31 -28.15 -2.98
CA ILE A 1231 -24.46 -28.31 -4.17
C ILE A 1231 -23.36 -29.30 -3.82
N ALA A 1232 -23.09 -30.26 -4.70
CA ALA A 1232 -22.03 -31.22 -4.40
C ALA A 1232 -21.45 -31.83 -5.67
N HIS A 1233 -20.14 -32.10 -5.62
CA HIS A 1233 -19.46 -32.93 -6.60
C HIS A 1233 -19.47 -34.40 -6.20
N ARG A 1234 -19.16 -34.67 -4.94
CA ARG A 1234 -18.99 -36.03 -4.42
C ARG A 1234 -20.37 -36.64 -4.14
N LEU A 1235 -21.01 -37.07 -5.23
CA LEU A 1235 -22.41 -37.50 -5.20
C LEU A 1235 -22.72 -38.49 -4.08
N ASN A 1236 -21.75 -39.31 -3.68
CA ASN A 1236 -21.96 -40.21 -2.54
C ASN A 1236 -22.39 -39.48 -1.27
N THR A 1237 -22.12 -38.18 -1.17
CA THR A 1237 -22.55 -37.39 -0.03
C THR A 1237 -24.01 -36.94 -0.07
N ILE A 1238 -24.76 -37.18 -1.16
CA ILE A 1238 -26.12 -36.67 -1.28
C ILE A 1238 -27.13 -37.72 -1.73
N ILE A 1239 -26.65 -38.90 -2.13
CA ILE A 1239 -27.50 -39.90 -2.77
C ILE A 1239 -28.74 -40.26 -1.93
N ASP A 1240 -28.70 -40.03 -0.63
CA ASP A 1240 -29.86 -40.32 0.22
C ASP A 1240 -31.03 -39.35 0.02
N SER A 1241 -30.78 -38.15 -0.50
CA SER A 1241 -31.74 -37.05 -0.43
C SER A 1241 -33.08 -37.39 -1.10
N ASP A 1242 -34.12 -36.69 -0.65
CA ASP A 1242 -35.48 -36.90 -1.15
C ASP A 1242 -35.63 -36.55 -2.63
N LYS A 1243 -34.88 -35.57 -3.13
CA LYS A 1243 -34.84 -35.28 -4.55
C LYS A 1243 -33.43 -34.83 -4.92
N ILE A 1244 -33.09 -34.95 -6.20
CA ILE A 1244 -31.95 -34.25 -6.76
C ILE A 1244 -32.38 -33.41 -7.96
N MET A 1245 -31.82 -32.21 -8.05
CA MET A 1245 -32.01 -31.29 -9.17
C MET A 1245 -30.81 -31.38 -10.09
N VAL A 1246 -31.04 -31.61 -11.38
CA VAL A 1246 -29.98 -31.67 -12.38
C VAL A 1246 -30.15 -30.50 -13.35
N LEU A 1247 -29.12 -29.69 -13.47
CA LEU A 1247 -29.05 -28.61 -14.44
C LEU A 1247 -28.22 -29.06 -15.63
N ASP A 1248 -28.80 -29.02 -16.83
CA ASP A 1248 -28.07 -29.38 -18.05
C ASP A 1248 -27.31 -28.18 -18.60
N SER A 1249 -28.03 -27.11 -18.95
CA SER A 1249 -27.40 -25.83 -19.20
C SER A 1249 -28.51 -24.77 -19.13
N GLY A 1250 -28.59 -24.09 -17.99
CA GLY A 1250 -29.56 -23.04 -17.78
C GLY A 1250 -31.01 -23.49 -17.71
N ARG A 1251 -31.29 -24.79 -17.75
CA ARG A 1251 -32.63 -25.31 -17.53
C ARG A 1251 -32.59 -26.48 -16.56
N LEU A 1252 -33.56 -26.52 -15.65
CA LEU A 1252 -33.74 -27.62 -14.71
C LEU A 1252 -34.39 -28.80 -15.44
N LYS A 1253 -33.55 -29.67 -16.00
CA LYS A 1253 -34.08 -30.77 -16.82
C LYS A 1253 -34.57 -31.95 -15.99
N GLU A 1254 -34.04 -32.17 -14.79
CA GLU A 1254 -34.49 -33.27 -13.94
C GLU A 1254 -34.64 -32.78 -12.50
N TYR A 1255 -35.72 -33.22 -11.84
CA TYR A 1255 -35.92 -32.91 -10.42
C TYR A 1255 -36.81 -34.00 -9.81
N ASP A 1256 -36.20 -35.02 -9.19
CA ASP A 1256 -36.96 -36.18 -8.76
C ASP A 1256 -36.17 -36.98 -7.72
N GLU A 1257 -36.88 -37.92 -7.10
CA GLU A 1257 -36.28 -38.91 -6.22
C GLU A 1257 -35.08 -39.59 -6.87
N PRO A 1258 -33.91 -39.62 -6.22
CA PRO A 1258 -32.70 -40.12 -6.89
C PRO A 1258 -32.82 -41.56 -7.42
N TYR A 1259 -33.55 -42.43 -6.73
CA TYR A 1259 -33.78 -43.77 -7.28
C TYR A 1259 -34.67 -43.71 -8.53
N VAL A 1260 -35.69 -42.86 -8.51
CA VAL A 1260 -36.55 -42.72 -9.67
C VAL A 1260 -35.78 -42.10 -10.84
N LEU A 1261 -34.83 -41.20 -10.56
CA LEU A 1261 -33.87 -40.78 -11.57
C LEU A 1261 -33.07 -41.96 -12.12
N LEU A 1262 -32.37 -42.67 -11.24
CA LEU A 1262 -31.46 -43.71 -11.69
C LEU A 1262 -32.19 -44.87 -12.38
N GLN A 1263 -33.42 -45.15 -11.99
CA GLN A 1263 -34.18 -46.17 -12.70
C GLN A 1263 -34.60 -45.74 -14.10
N ASN A 1264 -34.59 -44.44 -14.39
CA ASN A 1264 -34.51 -43.96 -15.77
C ASN A 1264 -33.05 -44.02 -16.19
N ARG A 1265 -32.68 -45.14 -16.84
CA ARG A 1265 -31.30 -45.31 -17.29
C ARG A 1265 -30.88 -44.28 -18.32
N ASP A 1266 -31.84 -43.61 -18.97
CA ASP A 1266 -31.54 -42.53 -19.90
C ASP A 1266 -31.46 -41.17 -19.21
N SER A 1267 -31.70 -41.11 -17.90
CA SER A 1267 -31.61 -39.84 -17.18
C SER A 1267 -30.17 -39.30 -17.21
N LEU A 1268 -30.08 -37.98 -17.15
CA LEU A 1268 -28.77 -37.33 -16.99
C LEU A 1268 -28.09 -37.78 -15.71
N PHE A 1269 -28.86 -37.93 -14.63
CA PHE A 1269 -28.28 -38.38 -13.37
C PHE A 1269 -27.66 -39.77 -13.48
N TYR A 1270 -28.33 -40.70 -14.16
CA TYR A 1270 -27.72 -42.01 -14.37
C TYR A 1270 -26.44 -41.91 -15.19
N LYS A 1271 -26.51 -41.21 -16.32
CA LYS A 1271 -25.32 -41.02 -17.14
C LYS A 1271 -24.16 -40.42 -16.34
N MET A 1272 -24.47 -39.52 -15.40
CA MET A 1272 -23.42 -38.98 -14.55
C MET A 1272 -22.83 -40.03 -13.61
N VAL A 1273 -23.66 -40.76 -12.87
CA VAL A 1273 -23.11 -41.79 -11.97
C VAL A 1273 -22.45 -42.88 -12.79
N GLN A 1274 -23.00 -43.19 -13.96
CA GLN A 1274 -22.38 -44.16 -14.85
C GLN A 1274 -20.99 -43.69 -15.30
N GLN A 1275 -20.78 -42.38 -15.38
CA GLN A 1275 -19.49 -41.82 -15.73
C GLN A 1275 -18.47 -41.89 -14.61
N LEU A 1276 -18.91 -42.04 -13.36
CA LEU A 1276 -17.96 -42.13 -12.24
C LEU A 1276 -17.11 -43.40 -12.33
N GLY A 1277 -17.71 -44.52 -12.66
CA GLY A 1277 -17.04 -45.80 -12.65
C GLY A 1277 -17.98 -46.89 -12.15
N LYS A 1278 -17.61 -48.14 -12.46
CA LYS A 1278 -18.52 -49.26 -12.22
C LYS A 1278 -18.78 -49.46 -10.72
N ALA A 1279 -17.73 -49.38 -9.90
CA ALA A 1279 -17.92 -49.57 -8.46
C ALA A 1279 -18.79 -48.47 -7.86
N GLU A 1280 -18.55 -47.22 -8.27
CA GLU A 1280 -19.37 -46.11 -7.79
C GLU A 1280 -20.83 -46.25 -8.24
N ALA A 1281 -21.05 -46.49 -9.54
CA ALA A 1281 -22.41 -46.65 -10.04
C ALA A 1281 -23.13 -47.79 -9.36
N ALA A 1282 -22.45 -48.91 -9.13
CA ALA A 1282 -23.08 -50.02 -8.41
C ALA A 1282 -23.48 -49.62 -7.00
N ALA A 1283 -22.54 -49.06 -6.23
CA ALA A 1283 -22.84 -48.66 -4.86
C ALA A 1283 -23.95 -47.63 -4.80
N LEU A 1284 -23.90 -46.62 -5.68
CA LEU A 1284 -24.93 -45.59 -5.70
C LEU A 1284 -26.31 -46.15 -6.05
N THR A 1285 -26.38 -46.98 -7.11
CA THR A 1285 -27.67 -47.56 -7.49
C THR A 1285 -28.20 -48.50 -6.43
N GLU A 1286 -27.32 -49.31 -5.83
CA GLU A 1286 -27.74 -50.15 -4.72
C GLU A 1286 -28.22 -49.31 -3.53
N THR A 1287 -27.46 -48.29 -3.16
CA THR A 1287 -27.87 -47.42 -2.07
C THR A 1287 -29.22 -46.77 -2.37
N ALA A 1288 -29.41 -46.28 -3.58
CA ALA A 1288 -30.68 -45.65 -3.95
C ALA A 1288 -31.85 -46.64 -3.83
N LYS A 1289 -31.66 -47.86 -4.33
CA LYS A 1289 -32.71 -48.88 -4.20
C LYS A 1289 -33.05 -49.13 -2.74
N GLN A 1290 -32.03 -49.36 -1.90
CA GLN A 1290 -32.26 -49.63 -0.49
C GLN A 1290 -32.99 -48.47 0.20
N VAL A 1291 -32.47 -47.25 0.04
CA VAL A 1291 -33.07 -46.11 0.73
C VAL A 1291 -34.47 -45.80 0.22
N TYR A 1292 -34.68 -45.94 -1.09
CA TYR A 1292 -36.00 -45.66 -1.64
C TYR A 1292 -37.04 -46.63 -1.10
N PHE A 1293 -36.70 -47.92 -1.05
CA PHE A 1293 -37.60 -48.89 -0.42
C PHE A 1293 -37.89 -48.50 1.03
N LYS A 1294 -36.85 -48.29 1.83
CA LYS A 1294 -37.04 -47.93 3.24
C LYS A 1294 -37.89 -46.66 3.41
N ARG A 1295 -37.61 -45.62 2.64
CA ARG A 1295 -38.40 -44.40 2.77
C ARG A 1295 -39.81 -44.55 2.22
N ASN A 1296 -40.12 -45.63 1.51
CA ASN A 1296 -41.49 -45.95 1.17
C ASN A 1296 -42.22 -46.78 2.23
N TYR A 1297 -41.49 -47.43 3.14
CA TYR A 1297 -42.15 -48.22 4.18
C TYR A 1297 -43.06 -47.39 5.09
N PRO A 1298 -42.64 -46.22 5.60
CA PRO A 1298 -43.57 -45.48 6.47
C PRO A 1298 -44.77 -44.91 5.72
#